data_3ERI
#
_entry.id   3ERI
#
_cell.length_a   54.537
_cell.length_b   80.592
_cell.length_c   77.832
_cell.angle_alpha   90.00
_cell.angle_beta   102.63
_cell.angle_gamma   90.00
#
_symmetry.space_group_name_H-M   'P 1 21 1'
#
loop_
_entity.id
_entity.type
_entity.pdbx_description
1 polymer Lactoperoxidase
2 branched alpha-D-mannopyranose-(1-4)-2-acetamido-2-deoxy-beta-D-glucopyranose-(1-4)-2-acetamido-2-deoxy-beta-D-glucopyranose
3 branched 2-acetamido-2-deoxy-beta-D-glucopyranose-(1-4)-2-acetamido-2-deoxy-beta-D-glucopyranose
4 branched 2-acetamido-2-deoxy-alpha-D-glucopyranose-(1-4)-2-acetamido-2-deoxy-beta-D-glucopyranose
5 non-polymer 'PROTOPORPHYRIN IX CONTAINING FE'
6 non-polymer 'THIOCYANATE ION'
7 non-polymer 'CALCIUM ION'
8 non-polymer 'IODIDE ION'
9 water water
#
_entity_poly.entity_id   1
_entity_poly.type   'polypeptide(L)'
_entity_poly.pdbx_seq_one_letter_code
;SWEVGCGAPVPLVKCDENSPYRTITGDCNNRRSPALGAANRALARWLPAEYEDGLALPFGWTQRKTRNGFRVPLAREVSN
KIVGYLDEEGVLDQNRSLLFMQWGQIVDHDLDFAPETELGSNEHSKTQCEEYCIQGDNCFPIMFPKNDPKLKTQGKCMPF
FRAGFVCPTPPYQSLAREQINAVTSFLDASLVYGSEP(SEP)LASRLRNLSSPLGLMAVNQEAWDHGLAYLPFNNKKPSP
CEFINTTARVPCFLAGDFRASEQILLATAHTLLLREHNRLARELKKLNPHWNGEKLYQEARKILGAFIQIITFRDYLPIV
LGSEMQKWIPPYQGYNNSVDPRISNVFTFAFRFGHMEVPSTVSRLDENYQPWGPEAELPLHTLFFNTWRIIKDGGIDPLV
RGLLAKKSKLMNQDKMVTSELRNKLFQPTHKIHGFDLAAINLQRCRDHGMPGYNSWRGFCGLSQPKTLKGLQTVLKNKIL
AKKLMDLYKTPDNIDIWIGGNAEPMVERGRVGPLLACLLGRQFQQIRDGDRFWWENPGVFTEKQRDSLQKVSFSRLICDN
THITKVPLHAFQANNYPHDFVDCSTVDKLDLSPWASREN
;
_entity_poly.pdbx_strand_id   A
#
loop_
_chem_comp.id
_chem_comp.type
_chem_comp.name
_chem_comp.formula
CA non-polymer 'CALCIUM ION' 'Ca 2'
HEM non-polymer 'PROTOPORPHYRIN IX CONTAINING FE' 'C34 H32 Fe N4 O4'
IOD non-polymer 'IODIDE ION' 'I -1'
MAN D-saccharide, alpha linking alpha-D-mannopyranose 'C6 H12 O6'
NAG D-saccharide, beta linking 2-acetamido-2-deoxy-beta-D-glucopyranose 'C8 H15 N O6'
NDG D-saccharide, alpha linking 2-acetamido-2-deoxy-alpha-D-glucopyranose 'C8 H15 N O6'
SCN non-polymer 'THIOCYANATE ION' 'C N S -1'
#
# COMPACT_ATOMS: atom_id res chain seq x y z
N SER A 1 8.16 -24.32 -13.46
CA SER A 1 8.15 -23.46 -12.25
C SER A 1 9.47 -22.64 -12.13
N TRP A 2 9.71 -21.96 -10.93
CA TRP A 2 10.91 -21.11 -10.70
C TRP A 2 11.62 -21.20 -9.27
N GLU A 3 11.29 -20.36 -8.22
CA GLU A 3 12.06 -20.31 -6.93
C GLU A 3 13.40 -19.51 -7.17
N VAL A 4 14.64 -20.12 -6.96
CA VAL A 4 15.94 -19.36 -7.01
C VAL A 4 17.21 -19.93 -7.68
N GLY A 5 18.19 -19.04 -7.78
CA GLY A 5 19.53 -19.40 -8.10
C GLY A 5 20.59 -18.53 -7.40
N CYS A 6 20.27 -17.48 -6.61
CA CYS A 6 21.32 -16.62 -5.99
C CYS A 6 20.95 -16.21 -4.58
N GLY A 7 19.73 -16.62 -4.21
CA GLY A 7 19.03 -16.34 -2.96
C GLY A 7 19.90 -16.50 -1.72
N ALA A 8 19.64 -15.64 -0.77
CA ALA A 8 20.30 -15.72 0.52
C ALA A 8 19.32 -15.44 1.70
N PRO A 9 18.16 -14.70 1.46
CA PRO A 9 17.19 -14.16 2.56
C PRO A 9 16.63 -14.89 3.85
N VAL A 10 15.44 -15.48 3.95
CA VAL A 10 15.21 -16.13 5.29
C VAL A 10 15.76 -17.52 5.23
N PRO A 11 16.35 -17.84 6.32
CA PRO A 11 16.83 -19.19 6.43
C PRO A 11 15.86 -20.28 6.74
N LEU A 12 16.23 -21.40 6.28
CA LEU A 12 15.73 -22.59 6.92
C LEU A 12 14.29 -23.12 6.87
N VAL A 13 13.56 -22.77 5.86
CA VAL A 13 12.25 -23.29 5.81
C VAL A 13 12.19 -24.72 5.27
N LYS A 14 11.45 -25.51 5.99
CA LYS A 14 11.11 -26.79 5.43
C LYS A 14 9.61 -26.78 5.41
N CYS A 15 9.05 -27.74 4.75
CA CYS A 15 7.66 -27.66 4.70
C CYS A 15 6.95 -28.98 4.91
N ASP A 16 5.76 -28.71 5.30
CA ASP A 16 4.74 -29.75 5.64
C ASP A 16 3.89 -30.28 4.49
N GLU A 17 3.38 -29.43 3.58
CA GLU A 17 2.67 -30.03 2.44
C GLU A 17 1.43 -30.87 2.83
N ASN A 18 0.92 -30.80 4.02
CA ASN A 18 -0.35 -31.43 4.31
C ASN A 18 -0.99 -30.39 5.16
N SER A 19 -0.21 -29.35 5.43
CA SER A 19 -0.65 -28.24 6.25
C SER A 19 -1.70 -27.41 5.54
N PRO A 20 -2.85 -27.19 6.19
CA PRO A 20 -3.93 -26.41 5.59
C PRO A 20 -3.76 -24.91 5.81
N TYR A 21 -2.62 -24.50 6.37
CA TYR A 21 -2.37 -23.09 6.64
C TYR A 21 -1.17 -22.48 5.91
N ARG A 22 -1.32 -21.24 5.46
CA ARG A 22 -0.25 -20.52 4.77
C ARG A 22 0.92 -20.37 5.73
N THR A 23 2.13 -20.30 5.21
CA THR A 23 3.27 -20.06 6.08
C THR A 23 3.24 -18.56 6.32
N ILE A 24 4.06 -18.09 7.23
CA ILE A 24 4.13 -16.67 7.52
C ILE A 24 4.95 -15.93 6.45
N THR A 25 6.04 -16.56 6.02
CA THR A 25 6.94 -15.97 5.04
C THR A 25 6.46 -16.07 3.59
N GLY A 26 5.49 -16.94 3.35
CA GLY A 26 4.98 -17.08 1.99
C GLY A 26 5.56 -18.30 1.29
N ASP A 27 6.52 -18.94 1.95
CA ASP A 27 7.17 -20.13 1.40
C ASP A 27 6.20 -21.30 1.32
N CYS A 28 6.48 -22.19 0.36
CA CYS A 28 5.71 -23.40 0.15
C CYS A 28 4.29 -23.23 -0.34
N ASN A 29 4.01 -22.09 -0.95
CA ASN A 29 2.68 -21.91 -1.50
C ASN A 29 2.76 -22.83 -2.73
N ASN A 30 3.75 -22.57 -3.57
CA ASN A 30 3.97 -23.37 -4.77
C ASN A 30 4.84 -24.56 -4.35
N ARG A 31 4.30 -25.77 -4.50
CA ARG A 31 4.99 -27.00 -4.15
C ARG A 31 6.22 -27.28 -5.01
N ARG A 32 6.14 -26.93 -6.30
CA ARG A 32 7.24 -27.13 -7.22
C ARG A 32 8.41 -26.21 -6.92
N SER A 33 8.10 -24.95 -6.65
CA SER A 33 9.08 -23.92 -6.34
C SER A 33 8.59 -23.28 -5.03
N PRO A 34 9.07 -23.79 -3.88
CA PRO A 34 8.67 -23.29 -2.57
C PRO A 34 8.87 -21.80 -2.26
N ALA A 35 9.84 -21.16 -2.91
CA ALA A 35 10.11 -19.75 -2.61
C ALA A 35 9.34 -18.72 -3.44
N LEU A 36 8.63 -19.20 -4.46
CA LEU A 36 7.84 -18.30 -5.30
C LEU A 36 6.77 -17.59 -4.47
N GLY A 37 6.89 -16.27 -4.33
CA GLY A 37 5.91 -15.50 -3.58
C GLY A 37 6.31 -15.19 -2.15
N ALA A 38 7.38 -15.83 -1.67
CA ALA A 38 7.85 -15.61 -0.32
C ALA A 38 8.44 -14.21 -0.16
N ALA A 39 8.36 -13.69 1.06
CA ALA A 39 8.89 -12.37 1.39
C ALA A 39 10.42 -12.42 1.37
N ASN A 40 11.03 -11.25 1.25
CA ASN A 40 12.49 -11.12 1.22
C ASN A 40 13.17 -11.74 0.01
N ARG A 41 12.51 -11.65 -1.14
CA ARG A 41 13.05 -12.15 -2.39
C ARG A 41 13.01 -10.98 -3.36
N ALA A 42 13.64 -11.13 -4.52
CA ALA A 42 13.64 -10.02 -5.46
C ALA A 42 12.24 -9.78 -5.99
N LEU A 43 11.97 -8.54 -6.38
CA LEU A 43 10.69 -8.20 -6.99
C LEU A 43 10.90 -8.80 -8.38
N ALA A 44 9.84 -9.24 -9.05
CA ALA A 44 9.99 -9.83 -10.38
C ALA A 44 10.15 -8.81 -11.50
N ARG A 45 10.93 -9.18 -12.52
CA ARG A 45 11.17 -8.32 -13.68
C ARG A 45 10.39 -8.78 -14.90
N TRP A 46 9.37 -8.02 -15.28
CA TRP A 46 8.58 -8.35 -16.46
C TRP A 46 9.34 -7.85 -17.68
N LEU A 47 10.28 -6.93 -17.43
CA LEU A 47 11.11 -6.37 -18.49
C LEU A 47 12.50 -6.12 -17.91
N PRO A 48 13.54 -6.20 -18.74
CA PRO A 48 14.89 -5.97 -18.24
C PRO A 48 15.01 -4.57 -17.63
N ALA A 49 15.80 -4.45 -16.58
CA ALA A 49 15.97 -3.17 -15.92
C ALA A 49 16.72 -2.24 -16.84
N GLU A 50 16.57 -0.95 -16.62
CA GLU A 50 17.27 0.02 -17.42
C GLU A 50 17.98 1.00 -16.53
N TYR A 51 19.28 0.77 -16.42
CA TYR A 51 20.14 1.61 -15.62
C TYR A 51 21.10 2.33 -16.54
N GLU A 52 21.60 3.46 -16.04
CA GLU A 52 22.55 4.31 -16.73
C GLU A 52 23.76 3.47 -17.20
N ASP A 53 24.35 2.73 -16.26
CA ASP A 53 25.51 1.90 -16.55
C ASP A 53 25.11 0.47 -16.92
N GLY A 54 23.80 0.26 -17.08
CA GLY A 54 23.31 -1.06 -17.44
C GLY A 54 23.24 -2.08 -16.32
N LEU A 55 23.73 -1.73 -15.13
CA LEU A 55 23.73 -2.67 -14.00
C LEU A 55 23.13 -2.18 -12.69
N ALA A 56 23.48 -0.96 -12.28
CA ALA A 56 22.99 -0.46 -11.02
C ALA A 56 22.78 1.04 -10.89
N LEU A 57 23.57 1.83 -11.60
CA LEU A 57 23.43 3.28 -11.51
C LEU A 57 22.15 3.78 -12.17
N PRO A 58 21.37 4.58 -11.44
CA PRO A 58 20.11 5.12 -11.95
C PRO A 58 20.30 6.28 -12.93
N PHE A 59 19.36 6.45 -13.85
CA PHE A 59 19.47 7.56 -14.79
C PHE A 59 19.39 8.86 -14.02
N GLY A 60 20.33 9.77 -14.33
CA GLY A 60 20.38 11.04 -13.65
C GLY A 60 21.45 11.06 -12.59
N TRP A 61 22.14 9.93 -12.42
CA TRP A 61 23.21 9.83 -11.42
C TRP A 61 24.45 10.57 -11.92
N THR A 62 24.85 10.26 -13.14
CA THR A 62 26.02 10.90 -13.75
C THR A 62 25.58 12.04 -14.66
N GLN A 63 25.88 13.26 -14.26
CA GLN A 63 25.54 14.53 -14.91
C GLN A 63 25.67 14.70 -16.41
N ARG A 64 26.50 13.95 -17.10
CA ARG A 64 26.48 14.20 -18.56
C ARG A 64 26.19 12.93 -19.32
N LYS A 65 25.53 11.98 -18.69
CA LYS A 65 25.14 10.76 -19.38
C LYS A 65 23.69 11.03 -19.71
N THR A 66 23.23 10.62 -20.88
CA THR A 66 21.85 10.88 -21.24
C THR A 66 21.02 9.60 -21.26
N ARG A 67 19.71 9.78 -21.45
CA ARG A 67 18.80 8.66 -21.59
C ARG A 67 18.31 8.90 -23.00
N ASN A 68 18.69 8.04 -23.93
CA ASN A 68 18.29 8.22 -25.32
C ASN A 68 18.64 9.59 -25.89
N GLY A 69 19.77 10.15 -25.49
CA GLY A 69 20.18 11.44 -26.03
C GLY A 69 19.79 12.69 -25.25
N PHE A 70 18.96 12.55 -24.22
CA PHE A 70 18.56 13.71 -23.45
C PHE A 70 18.79 13.58 -21.95
N ARG A 71 18.94 14.73 -21.30
CA ARG A 71 19.10 14.79 -19.86
C ARG A 71 17.72 14.49 -19.27
N VAL A 72 17.66 13.68 -18.22
CA VAL A 72 16.35 13.44 -17.63
C VAL A 72 16.15 14.60 -16.66
N PRO A 73 14.94 15.17 -16.63
CA PRO A 73 14.63 16.30 -15.75
C PRO A 73 14.64 15.94 -14.28
N LEU A 74 15.00 16.91 -13.45
CA LEU A 74 15.03 16.71 -12.00
C LEU A 74 13.66 16.26 -11.52
N ALA A 75 13.63 15.35 -10.56
CA ALA A 75 12.37 14.85 -10.03
C ALA A 75 11.52 16.01 -9.47
N ARG A 76 12.11 16.82 -8.60
CA ARG A 76 11.40 17.94 -8.01
C ARG A 76 10.90 18.95 -9.05
N GLU A 77 11.55 19.03 -10.21
CA GLU A 77 11.09 19.97 -11.21
C GLU A 77 9.82 19.44 -11.84
N VAL A 78 9.78 18.14 -12.11
CA VAL A 78 8.57 17.56 -12.68
C VAL A 78 7.45 17.73 -11.67
N SER A 79 7.79 17.57 -10.39
CA SER A 79 6.80 17.73 -9.34
C SER A 79 6.20 19.13 -9.35
N ASN A 80 7.06 20.15 -9.50
CA ASN A 80 6.65 21.55 -9.52
C ASN A 80 5.86 22.02 -10.73
N LYS A 81 6.19 21.51 -11.90
CA LYS A 81 5.51 21.98 -13.10
C LYS A 81 4.32 21.19 -13.56
N ILE A 82 4.25 19.93 -13.17
CA ILE A 82 3.16 19.08 -13.60
C ILE A 82 2.23 18.59 -12.51
N VAL A 83 2.83 18.09 -11.43
CA VAL A 83 2.06 17.52 -10.34
C VAL A 83 1.40 18.44 -9.33
N GLY A 84 1.98 19.60 -9.07
CA GLY A 84 1.41 20.49 -8.08
C GLY A 84 0.23 21.33 -8.51
N TYR A 85 -0.47 21.89 -7.53
CA TYR A 85 -1.62 22.77 -7.75
C TYR A 85 -2.01 23.41 -6.40
N LEU A 86 -2.65 24.57 -6.46
CA LEU A 86 -3.02 25.30 -5.25
C LEU A 86 -4.47 25.18 -4.79
N ASP A 87 -5.39 25.25 -5.74
CA ASP A 87 -6.82 25.23 -5.42
C ASP A 87 -7.46 23.88 -5.13
N GLU A 88 -7.76 23.61 -3.86
CA GLU A 88 -8.39 22.36 -3.42
C GLU A 88 -9.89 22.28 -3.69
N GLU A 89 -10.47 23.35 -4.23
CA GLU A 89 -11.90 23.36 -4.50
C GLU A 89 -12.25 22.58 -5.76
N GLY A 90 -13.34 21.81 -5.69
CA GLY A 90 -13.82 21.05 -6.83
C GLY A 90 -12.94 19.87 -7.20
N VAL A 91 -12.13 19.45 -6.24
CA VAL A 91 -11.17 18.36 -6.43
C VAL A 91 -11.66 16.96 -6.00
N LEU A 92 -12.72 16.90 -5.20
CA LEU A 92 -13.24 15.64 -4.67
C LEU A 92 -14.02 14.72 -5.63
N ASP A 93 -13.91 13.42 -5.39
CA ASP A 93 -14.57 12.39 -6.19
C ASP A 93 -16.04 12.26 -5.79
N GLN A 94 -16.94 12.67 -6.68
CA GLN A 94 -18.36 12.60 -6.37
C GLN A 94 -18.93 11.18 -6.19
N ASN A 95 -18.19 10.14 -6.57
CA ASN A 95 -18.74 8.81 -6.35
C ASN A 95 -17.76 7.75 -5.84
N ARG A 96 -16.89 8.17 -4.93
CA ARG A 96 -15.93 7.29 -4.29
C ARG A 96 -15.70 7.90 -2.92
N SER A 97 -15.93 7.11 -1.87
CA SER A 97 -15.75 7.59 -0.50
C SER A 97 -14.27 7.58 -0.11
N LEU A 98 -13.95 8.15 1.04
CA LEU A 98 -12.58 8.19 1.51
C LEU A 98 -12.04 6.76 1.67
N LEU A 99 -12.92 5.82 1.99
CA LEU A 99 -12.53 4.41 2.16
C LEU A 99 -11.94 3.80 0.90
N PHE A 100 -12.32 4.33 -0.26
CA PHE A 100 -11.82 3.85 -1.55
C PHE A 100 -10.30 4.05 -1.58
N MET A 101 -9.86 5.26 -1.24
CA MET A 101 -8.43 5.58 -1.20
C MET A 101 -7.75 4.70 -0.16
N GLN A 102 -8.35 4.64 1.03
CA GLN A 102 -7.78 3.88 2.13
C GLN A 102 -7.66 2.36 1.92
N TRP A 103 -8.61 1.74 1.25
CA TRP A 103 -8.50 0.29 1.04
C TRP A 103 -7.32 0.03 0.11
N GLY A 104 -7.11 0.94 -0.83
CA GLY A 104 -6.01 0.80 -1.77
C GLY A 104 -4.67 0.71 -1.05
N GLN A 105 -4.44 1.60 -0.10
CA GLN A 105 -3.19 1.60 0.66
C GLN A 105 -3.02 0.30 1.44
N ILE A 106 -4.13 -0.25 1.91
CA ILE A 106 -4.13 -1.52 2.66
C ILE A 106 -3.67 -2.69 1.80
N VAL A 107 -4.36 -2.92 0.68
CA VAL A 107 -4.01 -4.00 -0.25
C VAL A 107 -2.54 -3.88 -0.62
N ASP A 108 -2.18 -2.64 -0.96
CA ASP A 108 -0.79 -2.33 -1.36
C ASP A 108 0.27 -2.85 -0.41
N HIS A 109 0.12 -2.42 0.84
CA HIS A 109 1.04 -2.77 1.90
C HIS A 109 1.05 -4.26 2.18
N ASP A 110 -0.05 -4.91 1.83
CA ASP A 110 -0.15 -6.35 2.02
C ASP A 110 0.68 -7.00 0.90
N LEU A 111 0.74 -6.35 -0.26
CA LEU A 111 1.47 -6.92 -1.40
C LEU A 111 2.95 -6.61 -1.60
N ASP A 112 3.36 -5.36 -1.42
CA ASP A 112 4.77 -5.01 -1.63
C ASP A 112 5.38 -3.99 -0.66
N PHE A 113 6.67 -4.15 -0.48
CA PHE A 113 7.51 -3.28 0.33
C PHE A 113 8.93 -3.37 -0.28
N ALA A 114 9.53 -2.27 -0.46
CA ALA A 114 10.86 -2.16 -0.86
C ALA A 114 11.34 -1.14 0.15
N PRO A 115 11.98 -1.66 1.20
CA PRO A 115 12.61 -0.79 2.20
C PRO A 115 13.94 -0.18 1.78
N GLU A 116 14.29 0.93 2.42
CA GLU A 116 15.55 1.59 2.13
C GLU A 116 16.70 0.72 2.57
N THR A 117 17.80 0.92 1.85
CA THR A 117 19.08 0.38 2.34
C THR A 117 19.23 1.05 3.67
N GLU A 118 19.51 0.26 4.67
CA GLU A 118 19.47 0.74 6.00
C GLU A 118 20.85 1.16 6.41
N LEU A 119 21.73 0.17 6.33
CA LEU A 119 23.16 0.34 6.60
C LEU A 119 23.53 1.22 7.80
N GLY A 120 23.19 0.74 8.99
CA GLY A 120 23.54 1.43 10.21
C GLY A 120 22.85 2.63 10.86
N SER A 121 22.79 2.55 12.19
CA SER A 121 22.24 3.60 13.05
C SER A 121 23.54 4.17 13.60
N ASN A 122 24.62 3.65 13.06
CA ASN A 122 25.98 4.04 13.45
C ASN A 122 26.57 5.02 12.44
N GLU A 123 26.06 4.95 11.21
CA GLU A 123 26.51 5.79 10.09
C GLU A 123 26.39 7.30 10.24
N HIS A 124 27.44 8.01 9.77
CA HIS A 124 27.50 9.47 9.81
C HIS A 124 27.00 10.00 8.47
N SER A 125 26.99 9.12 7.46
CA SER A 125 26.55 9.50 6.12
C SER A 125 25.04 9.69 6.08
N LYS A 126 24.35 9.34 7.17
CA LYS A 126 22.92 9.56 7.19
C LYS A 126 22.73 11.07 7.37
N THR A 127 23.82 11.76 7.70
CA THR A 127 23.77 13.20 7.81
C THR A 127 24.75 13.81 6.80
N GLN A 128 25.53 12.98 6.10
CA GLN A 128 26.41 13.52 5.06
C GLN A 128 25.51 13.65 3.84
N CYS A 129 24.42 12.88 3.86
CA CYS A 129 23.46 12.92 2.78
C CYS A 129 22.49 14.06 3.06
N GLU A 130 22.07 14.12 4.31
CA GLU A 130 21.15 15.13 4.80
C GLU A 130 21.75 16.53 4.76
N GLU A 131 22.81 16.72 5.52
CA GLU A 131 23.49 18.00 5.66
C GLU A 131 24.22 18.58 4.44
N TYR A 132 24.78 17.73 3.60
CA TYR A 132 25.53 18.27 2.48
C TYR A 132 25.08 17.97 1.05
N CYS A 133 24.15 17.03 0.87
CA CYS A 133 23.63 16.67 -0.44
C CYS A 133 24.64 16.05 -1.39
N ILE A 134 25.66 15.42 -0.81
CA ILE A 134 26.70 14.79 -1.60
C ILE A 134 26.25 13.44 -2.11
N GLN A 135 26.10 13.35 -3.42
CA GLN A 135 25.69 12.09 -4.02
C GLN A 135 26.81 11.07 -3.87
N GLY A 136 26.43 9.85 -3.52
CA GLY A 136 27.44 8.82 -3.36
C GLY A 136 26.88 7.60 -2.71
N ASP A 137 27.24 6.44 -3.31
CA ASP A 137 26.77 5.19 -2.78
C ASP A 137 25.30 5.37 -2.58
N ASN A 138 24.73 4.99 -1.46
CA ASN A 138 23.26 4.99 -1.47
C ASN A 138 22.51 6.27 -1.07
N CYS A 139 23.21 7.39 -1.25
CA CYS A 139 22.64 8.71 -1.06
C CYS A 139 22.48 9.20 -2.48
N PHE A 140 21.25 9.37 -2.90
CA PHE A 140 20.92 9.82 -4.25
C PHE A 140 19.86 10.90 -4.02
N PRO A 141 20.32 12.07 -3.54
CA PRO A 141 19.50 13.24 -3.21
C PRO A 141 18.66 13.85 -4.31
N ILE A 142 17.55 14.43 -3.86
CA ILE A 142 16.64 15.09 -4.76
C ILE A 142 17.04 16.55 -4.68
N MET A 143 17.74 17.01 -5.72
CA MET A 143 18.19 18.39 -5.78
C MET A 143 17.03 19.32 -6.08
N PHE A 144 17.12 20.55 -5.58
CA PHE A 144 16.09 21.54 -5.82
C PHE A 144 16.43 22.35 -7.05
N PRO A 145 15.45 22.61 -7.91
CA PRO A 145 15.69 23.39 -9.12
C PRO A 145 15.84 24.85 -8.71
N LYS A 146 16.25 25.72 -9.63
CA LYS A 146 16.38 27.12 -9.27
C LYS A 146 14.95 27.68 -9.21
N ASN A 147 14.73 28.66 -8.33
CA ASN A 147 13.41 29.26 -8.20
C ASN A 147 12.44 28.39 -7.40
N ASP A 148 12.94 27.34 -6.78
CA ASP A 148 12.08 26.49 -5.96
C ASP A 148 12.06 27.18 -4.60
N PRO A 149 10.88 27.51 -4.09
CA PRO A 149 10.89 28.16 -2.77
C PRO A 149 11.52 27.37 -1.63
N LYS A 150 11.67 26.06 -1.79
CA LYS A 150 12.27 25.28 -0.71
C LYS A 150 13.77 25.53 -0.58
N LEU A 151 14.36 26.10 -1.64
CA LEU A 151 15.78 26.45 -1.64
C LEU A 151 16.04 27.46 -0.53
N LYS A 152 15.21 28.50 -0.55
CA LYS A 152 15.28 29.61 0.39
C LYS A 152 14.94 29.21 1.82
N THR A 153 14.23 28.12 1.96
CA THR A 153 13.76 27.71 3.27
C THR A 153 14.16 26.36 3.89
N GLN A 154 14.54 25.38 3.06
CA GLN A 154 14.92 24.07 3.59
C GLN A 154 16.35 23.64 3.34
N GLY A 155 16.96 24.15 2.28
CA GLY A 155 18.32 23.77 1.98
C GLY A 155 18.55 23.61 0.49
N LYS A 156 19.43 22.69 0.11
CA LYS A 156 19.71 22.47 -1.30
C LYS A 156 19.13 21.19 -1.87
N CYS A 157 18.73 20.28 -0.99
CA CYS A 157 18.17 19.03 -1.46
C CYS A 157 17.31 18.37 -0.42
N MET A 158 16.71 17.27 -0.84
CA MET A 158 15.90 16.43 0.02
C MET A 158 16.66 15.12 0.09
N PRO A 159 16.79 14.61 1.35
CA PRO A 159 17.41 13.29 1.57
C PRO A 159 16.83 12.19 0.80
N PHE A 160 17.62 11.28 0.31
CA PHE A 160 16.94 10.17 -0.27
C PHE A 160 17.87 8.96 -0.15
N PHE A 161 17.41 7.73 0.01
CA PHE A 161 18.34 6.61 0.03
C PHE A 161 17.82 5.54 -0.87
N ARG A 162 18.70 5.00 -1.71
CA ARG A 162 18.32 3.95 -2.64
C ARG A 162 17.76 2.74 -1.91
N ALA A 163 16.85 2.03 -2.57
CA ALA A 163 16.21 0.87 -1.98
C ALA A 163 17.15 -0.33 -1.90
N GLY A 164 16.88 -1.23 -0.97
CA GLY A 164 17.69 -2.41 -0.80
C GLY A 164 17.59 -3.35 -1.99
N PHE A 165 18.59 -4.24 -2.11
CA PHE A 165 18.66 -5.20 -3.20
C PHE A 165 19.10 -6.58 -2.67
N VAL A 166 19.00 -7.59 -3.51
CA VAL A 166 19.31 -8.92 -3.06
C VAL A 166 20.77 -9.14 -2.97
N CYS A 167 21.10 -10.27 -2.49
CA CYS A 167 22.47 -10.27 -2.19
C CYS A 167 22.66 -9.36 -0.88
N PRO A 168 23.52 -8.34 -0.99
CA PRO A 168 23.85 -7.37 0.12
C PRO A 168 22.97 -6.65 1.11
N THR A 169 23.46 -5.41 1.20
CA THR A 169 23.11 -4.32 2.01
C THR A 169 24.23 -3.34 1.69
N PRO A 170 25.44 -3.60 2.24
CA PRO A 170 26.64 -2.74 1.87
C PRO A 170 26.98 -2.55 0.30
N PRO A 171 28.08 -3.25 -0.22
CA PRO A 171 28.56 -3.17 -1.64
C PRO A 171 27.60 -3.49 -2.73
N TYR A 172 28.06 -4.45 -3.53
CA TYR A 172 27.27 -4.74 -4.68
C TYR A 172 27.55 -6.11 -5.17
N GLN A 173 26.78 -6.42 -6.15
CA GLN A 173 26.71 -7.74 -6.73
C GLN A 173 26.84 -7.79 -8.24
N SER A 174 27.15 -8.99 -8.73
CA SER A 174 27.22 -9.23 -10.15
C SER A 174 25.83 -9.43 -10.74
N LEU A 175 25.70 -9.25 -12.06
CA LEU A 175 24.42 -9.33 -12.76
C LEU A 175 23.79 -7.98 -12.68
N ALA A 176 22.49 -7.87 -12.57
CA ALA A 176 21.88 -6.56 -12.51
C ALA A 176 21.10 -6.39 -11.23
N ARG A 177 21.07 -5.17 -10.71
CA ARG A 177 20.40 -4.87 -9.45
C ARG A 177 18.92 -5.21 -9.36
N GLU A 178 18.56 -5.96 -8.33
CA GLU A 178 17.17 -6.34 -8.13
C GLU A 178 16.74 -5.98 -6.71
N GLN A 179 15.72 -5.12 -6.61
CA GLN A 179 15.21 -4.68 -5.32
C GLN A 179 14.47 -5.79 -4.61
N ILE A 180 14.49 -5.73 -3.27
CA ILE A 180 13.84 -6.71 -2.41
C ILE A 180 12.38 -6.39 -2.15
N ASN A 181 11.56 -7.42 -1.95
CA ASN A 181 10.17 -7.22 -1.57
C ASN A 181 10.12 -7.84 -0.17
N ALA A 182 10.12 -6.99 0.85
CA ALA A 182 10.11 -7.45 2.23
C ALA A 182 8.82 -8.14 2.68
N VAL A 183 7.78 -8.11 1.87
CA VAL A 183 6.53 -8.75 2.27
C VAL A 183 6.10 -9.83 1.29
N THR A 184 5.15 -10.67 1.70
CA THR A 184 4.66 -11.75 0.83
C THR A 184 3.80 -11.20 -0.32
N SER A 185 3.95 -11.81 -1.50
CA SER A 185 3.22 -11.36 -2.68
C SER A 185 1.75 -11.75 -2.71
N PHE A 186 1.38 -12.75 -1.91
CA PHE A 186 -0.01 -13.23 -1.86
C PHE A 186 -0.90 -12.26 -1.09
N LEU A 187 -2.13 -12.02 -1.55
CA LEU A 187 -3.03 -11.25 -0.70
C LEU A 187 -3.26 -12.16 0.50
N ASP A 188 -2.71 -11.90 1.68
CA ASP A 188 -2.96 -12.84 2.76
C ASP A 188 -2.95 -12.21 4.13
N ALA A 189 -3.26 -10.92 4.22
CA ALA A 189 -3.29 -10.23 5.51
C ALA A 189 -1.93 -10.20 6.21
N SER A 190 -0.85 -10.31 5.45
CA SER A 190 0.48 -10.27 6.04
C SER A 190 0.72 -8.92 6.71
N LEU A 191 -0.12 -7.93 6.42
CA LEU A 191 0.04 -6.62 7.01
C LEU A 191 -0.53 -6.66 8.43
N VAL A 192 -1.32 -7.68 8.72
CA VAL A 192 -1.88 -7.85 10.06
C VAL A 192 -0.98 -8.76 10.88
N TYR A 193 -0.65 -9.91 10.30
CA TYR A 193 0.17 -10.91 10.99
C TYR A 193 1.69 -10.82 10.91
N GLY A 194 2.20 -10.10 9.93
CA GLY A 194 3.65 -9.98 9.79
C GLY A 194 4.15 -10.86 8.66
N SER A 195 5.39 -10.66 8.23
CA SER A 195 5.96 -11.47 7.16
C SER A 195 7.16 -12.30 7.62
N GLU A 196 7.48 -12.16 8.91
CA GLU A 196 8.56 -12.84 9.55
C GLU A 196 8.04 -13.54 10.82
N PRO A 197 8.70 -14.64 10.98
CA PRO A 197 8.55 -15.52 12.16
C PRO A 197 8.69 -15.01 13.60
N SEP A 198 9.68 -14.36 14.40
CA SEP A 198 10.34 -12.99 14.52
CB SEP A 198 11.33 -12.54 13.48
OG SEP A 198 11.85 -13.79 12.83
C SEP A 198 8.91 -12.45 14.86
O SEP A 198 8.70 -12.38 16.11
P SEP A 198 12.95 -13.71 11.66
O1P SEP A 198 12.94 -14.75 10.68
O2P SEP A 198 14.42 -13.19 11.98
O3P SEP A 198 12.56 -12.33 11.01
N LEU A 199 8.78 -11.33 14.22
CA LEU A 199 7.61 -10.45 14.32
C LEU A 199 6.21 -11.07 14.45
N ALA A 200 5.88 -12.10 13.65
CA ALA A 200 4.56 -12.76 13.78
C ALA A 200 4.38 -13.25 15.21
N SER A 201 5.48 -13.62 15.84
CA SER A 201 5.47 -14.13 17.22
C SER A 201 5.29 -13.01 18.26
N ARG A 202 6.01 -11.91 18.06
CA ARG A 202 5.95 -10.79 18.99
C ARG A 202 4.54 -10.21 19.05
N LEU A 203 3.81 -10.34 17.94
CA LEU A 203 2.45 -9.84 17.80
C LEU A 203 1.36 -10.66 18.46
N ARG A 204 1.66 -11.93 18.71
CA ARG A 204 0.66 -12.81 19.32
C ARG A 204 0.60 -12.77 20.83
N ASN A 205 -0.57 -13.14 21.36
CA ASN A 205 -0.75 -13.20 22.81
C ASN A 205 -0.55 -14.68 23.09
N LEU A 206 0.63 -15.04 23.55
CA LEU A 206 0.93 -16.44 23.84
C LEU A 206 0.85 -16.80 25.27
N SER A 207 0.28 -15.90 26.07
CA SER A 207 0.10 -16.27 27.48
C SER A 207 -1.25 -16.91 27.72
N SER A 208 -2.27 -16.49 26.95
CA SER A 208 -3.64 -17.08 27.02
C SER A 208 -3.76 -18.10 25.86
N PRO A 209 -4.58 -19.16 25.92
CA PRO A 209 -4.59 -20.15 24.83
C PRO A 209 -5.63 -19.77 23.87
N LEU A 210 -5.92 -18.56 23.69
CA LEU A 210 -7.13 -18.24 22.93
C LEU A 210 -6.86 -17.82 21.50
N GLY A 211 -5.59 -17.91 21.09
CA GLY A 211 -5.21 -17.55 19.73
C GLY A 211 -5.48 -16.08 19.43
N LEU A 212 -5.28 -15.22 20.41
CA LEU A 212 -5.49 -13.80 20.25
C LEU A 212 -4.22 -13.02 19.94
N MET A 213 -4.42 -11.82 19.38
CA MET A 213 -3.30 -10.94 19.07
C MET A 213 -3.12 -10.08 20.32
N ALA A 214 -1.87 -9.73 20.62
CA ALA A 214 -1.61 -8.90 21.79
C ALA A 214 -2.24 -7.53 21.58
N VAL A 215 -2.76 -6.93 22.63
CA VAL A 215 -3.37 -5.62 22.51
C VAL A 215 -2.70 -4.62 23.45
N ASN A 216 -3.04 -3.35 23.31
CA ASN A 216 -2.48 -2.31 24.15
C ASN A 216 -2.99 -2.52 25.60
N GLN A 217 -2.17 -2.18 26.57
CA GLN A 217 -2.59 -2.35 27.96
C GLN A 217 -2.74 -0.92 28.57
N GLU A 218 -2.03 0.04 27.98
CA GLU A 218 -2.04 1.44 28.41
C GLU A 218 -3.29 2.21 28.07
N ALA A 219 -4.03 1.77 27.05
CA ALA A 219 -5.22 2.50 26.66
C ALA A 219 -6.26 1.66 25.94
N TRP A 220 -7.51 2.07 26.09
CA TRP A 220 -8.63 1.38 25.47
C TRP A 220 -9.58 2.39 24.82
N ASP A 221 -10.40 1.90 23.89
CA ASP A 221 -11.35 2.73 23.18
C ASP A 221 -12.76 2.26 23.52
N HIS A 222 -13.32 2.81 24.60
CA HIS A 222 -14.65 2.46 25.07
C HIS A 222 -14.77 0.96 25.32
N GLY A 223 -13.67 0.36 25.75
CA GLY A 223 -13.66 -1.07 26.03
C GLY A 223 -13.22 -1.92 24.85
N LEU A 224 -12.75 -1.26 23.79
CA LEU A 224 -12.28 -1.95 22.60
C LEU A 224 -10.77 -1.75 22.46
N ALA A 225 -10.09 -2.77 21.95
CA ALA A 225 -8.63 -2.76 21.81
C ALA A 225 -7.97 -1.83 20.79
N TYR A 226 -6.73 -1.45 21.13
CA TYR A 226 -5.87 -0.62 20.29
C TYR A 226 -4.67 -1.53 20.00
N LEU A 227 -3.88 -1.19 18.99
CA LEU A 227 -2.70 -1.98 18.69
C LEU A 227 -1.67 -1.65 19.76
N PRO A 228 -0.77 -2.60 20.09
CA PRO A 228 0.22 -2.25 21.09
C PRO A 228 1.17 -1.17 20.58
N PHE A 229 1.88 -0.49 21.47
CA PHE A 229 2.82 0.54 21.06
C PHE A 229 4.12 -0.13 20.61
N ASN A 230 5.00 0.61 19.95
CA ASN A 230 6.25 0.03 19.50
C ASN A 230 7.39 0.34 20.47
N ASN A 231 8.38 -0.54 20.45
CA ASN A 231 9.56 -0.50 21.30
C ASN A 231 10.60 0.59 21.03
N LYS A 232 11.21 0.54 19.83
CA LYS A 232 12.26 1.50 19.42
C LYS A 232 11.97 2.92 19.91
N LYS A 233 12.81 3.41 20.84
CA LYS A 233 12.59 4.75 21.40
C LYS A 233 12.79 5.92 20.45
N PRO A 234 13.74 5.83 19.48
CA PRO A 234 13.71 7.05 18.66
C PRO A 234 12.40 6.87 17.90
N SER A 235 11.29 7.19 18.54
CA SER A 235 9.96 7.05 17.97
C SER A 235 9.54 8.32 17.24
N PRO A 236 9.10 8.17 15.98
CA PRO A 236 8.68 9.34 15.20
C PRO A 236 7.34 9.90 15.65
N CYS A 237 6.49 9.03 16.18
CA CYS A 237 5.17 9.44 16.65
C CYS A 237 5.29 10.28 17.91
N GLU A 238 6.37 10.08 18.66
CA GLU A 238 6.60 10.86 19.87
C GLU A 238 7.11 12.24 19.45
N PHE A 239 7.92 12.28 18.41
CA PHE A 239 8.51 13.52 17.91
C PHE A 239 7.51 14.60 17.43
N ILE A 240 6.47 14.19 16.70
CA ILE A 240 5.49 15.18 16.18
C ILE A 240 4.72 15.88 17.30
N ASN A 241 5.04 15.58 18.54
CA ASN A 241 4.43 16.19 19.74
C ASN A 241 5.14 15.57 20.96
N THR A 242 6.19 16.16 21.44
CA THR A 242 6.85 15.54 22.57
C THR A 242 6.09 15.80 23.90
N THR A 243 4.92 16.42 23.83
CA THR A 243 4.18 16.70 25.05
C THR A 243 3.27 15.51 25.30
N ALA A 244 2.55 15.08 24.26
CA ALA A 244 1.65 13.94 24.38
C ALA A 244 2.49 12.69 24.60
N ARG A 245 3.62 12.62 23.92
CA ARG A 245 4.53 11.49 24.09
C ARG A 245 3.84 10.16 23.87
N VAL A 246 3.12 10.03 22.76
CA VAL A 246 2.44 8.78 22.44
C VAL A 246 3.17 8.15 21.26
N PRO A 247 3.72 6.94 21.45
CA PRO A 247 4.47 6.20 20.43
C PRO A 247 3.64 5.54 19.32
N CYS A 248 4.33 5.22 18.23
CA CYS A 248 3.70 4.57 17.08
C CYS A 248 3.16 3.19 17.46
N PHE A 249 2.25 2.67 16.65
CA PHE A 249 1.67 1.37 16.91
C PHE A 249 2.56 0.27 16.34
N LEU A 250 2.43 -0.94 16.88
CA LEU A 250 3.21 -2.09 16.41
C LEU A 250 2.26 -3.04 15.70
N ALA A 251 2.52 -3.28 14.42
CA ALA A 251 1.68 -4.18 13.62
C ALA A 251 2.48 -5.09 12.71
N GLY A 252 1.77 -5.94 11.97
CA GLY A 252 2.41 -6.88 11.08
C GLY A 252 3.18 -6.22 9.94
N ASP A 253 2.99 -4.92 9.79
CA ASP A 253 3.66 -4.16 8.73
C ASP A 253 4.19 -2.87 9.37
N PHE A 254 5.45 -2.55 9.09
CA PHE A 254 6.08 -1.37 9.69
C PHE A 254 5.57 0.03 9.33
N ARG A 255 4.75 0.17 8.29
CA ARG A 255 4.25 1.50 7.92
C ARG A 255 2.90 1.84 8.55
N ALA A 256 2.35 0.90 9.32
CA ALA A 256 1.01 1.06 9.95
C ALA A 256 0.71 2.41 10.67
N SER A 257 1.70 3.21 10.99
CA SER A 257 1.41 4.48 11.69
C SER A 257 1.75 5.67 10.80
N GLU A 258 1.99 5.41 9.53
CA GLU A 258 2.34 6.48 8.56
C GLU A 258 1.33 7.62 8.56
N GLN A 259 0.05 7.31 8.66
CA GLN A 259 -0.99 8.33 8.69
C GLN A 259 -2.17 7.74 9.46
N ILE A 260 -2.76 8.59 10.30
CA ILE A 260 -3.85 8.21 11.18
C ILE A 260 -4.97 7.31 10.65
N LEU A 261 -5.26 7.41 9.35
CA LEU A 261 -6.33 6.59 8.77
C LEU A 261 -5.88 5.18 8.45
N LEU A 262 -4.59 5.01 8.18
CA LEU A 262 -4.05 3.69 7.89
C LEU A 262 -3.97 2.92 9.21
N ALA A 263 -3.64 3.63 10.29
CA ALA A 263 -3.57 3.03 11.62
C ALA A 263 -4.99 2.65 12.06
N THR A 264 -5.95 3.50 11.71
CA THR A 264 -7.33 3.20 12.06
C THR A 264 -7.75 1.88 11.43
N ALA A 265 -7.47 1.73 10.13
CA ALA A 265 -7.81 0.51 9.41
C ALA A 265 -7.09 -0.70 10.02
N HIS A 266 -5.81 -0.55 10.33
CA HIS A 266 -5.05 -1.65 10.94
C HIS A 266 -5.75 -2.09 12.23
N THR A 267 -6.21 -1.13 13.02
CA THR A 267 -6.91 -1.39 14.29
C THR A 267 -8.18 -2.22 14.10
N LEU A 268 -8.94 -1.88 13.07
CA LEU A 268 -10.19 -2.58 12.74
C LEU A 268 -9.93 -4.06 12.41
N LEU A 269 -8.78 -4.34 11.80
CA LEU A 269 -8.42 -5.70 11.42
C LEU A 269 -7.90 -6.47 12.63
N LEU A 270 -7.20 -5.79 13.53
CA LEU A 270 -6.71 -6.46 14.72
C LEU A 270 -7.94 -6.91 15.53
N ARG A 271 -8.91 -6.00 15.65
CA ARG A 271 -10.13 -6.28 16.39
C ARG A 271 -10.92 -7.43 15.77
N GLU A 272 -10.95 -7.47 14.44
CA GLU A 272 -11.68 -8.55 13.78
C GLU A 272 -11.03 -9.90 14.08
N HIS A 273 -9.71 -9.94 14.13
CA HIS A 273 -9.04 -11.19 14.40
C HIS A 273 -9.38 -11.71 15.80
N ASN A 274 -9.29 -10.84 16.79
CA ASN A 274 -9.59 -11.23 18.16
C ASN A 274 -11.05 -11.64 18.33
N ARG A 275 -11.94 -10.93 17.66
CA ARG A 275 -13.34 -11.24 17.73
C ARG A 275 -13.57 -12.61 17.08
N LEU A 276 -12.98 -12.92 15.91
CA LEU A 276 -13.16 -14.24 15.25
C LEU A 276 -12.60 -15.35 16.12
N ALA A 277 -11.51 -15.02 16.86
CA ALA A 277 -10.99 -16.02 17.77
C ALA A 277 -11.93 -16.34 18.94
N ARG A 278 -12.48 -15.31 19.59
CA ARG A 278 -13.38 -15.56 20.71
C ARG A 278 -14.63 -16.33 20.29
N GLU A 279 -15.25 -15.98 19.17
CA GLU A 279 -16.44 -16.70 18.77
C GLU A 279 -16.11 -18.13 18.34
N LEU A 280 -14.90 -18.32 17.81
CA LEU A 280 -14.49 -19.65 17.36
C LEU A 280 -14.25 -20.55 18.57
N LYS A 281 -13.81 -19.94 19.67
CA LYS A 281 -13.55 -20.69 20.89
C LYS A 281 -14.89 -21.15 21.45
N LYS A 282 -15.93 -20.36 21.14
CA LYS A 282 -17.29 -20.66 21.58
C LYS A 282 -17.81 -21.92 20.91
N LEU A 283 -17.65 -21.97 19.59
CA LEU A 283 -18.11 -23.11 18.80
C LEU A 283 -17.30 -24.37 19.06
N ASN A 284 -15.98 -24.23 19.20
CA ASN A 284 -15.11 -25.37 19.42
C ASN A 284 -14.26 -25.16 20.68
N PRO A 285 -14.84 -25.47 21.86
CA PRO A 285 -14.15 -25.31 23.15
C PRO A 285 -12.85 -26.12 23.24
N HIS A 286 -12.68 -27.09 22.36
CA HIS A 286 -11.50 -27.94 22.38
C HIS A 286 -10.28 -27.48 21.58
N TRP A 287 -10.49 -26.64 20.58
CA TRP A 287 -9.38 -26.14 19.77
C TRP A 287 -8.31 -25.45 20.61
N ASN A 288 -7.04 -25.73 20.32
CA ASN A 288 -5.93 -25.09 21.06
C ASN A 288 -5.50 -23.72 20.52
N GLY A 289 -4.55 -23.08 21.22
CA GLY A 289 -4.06 -21.77 20.82
C GLY A 289 -3.69 -21.63 19.34
N GLU A 290 -2.86 -22.54 18.83
CA GLU A 290 -2.42 -22.50 17.45
C GLU A 290 -3.60 -22.53 16.50
N LYS A 291 -4.48 -23.52 16.70
CA LYS A 291 -5.65 -23.72 15.86
C LYS A 291 -6.57 -22.49 15.80
N LEU A 292 -6.77 -21.81 16.92
CA LEU A 292 -7.62 -20.63 16.93
C LEU A 292 -6.96 -19.53 16.11
N TYR A 293 -5.66 -19.36 16.34
CA TYR A 293 -4.89 -18.34 15.63
C TYR A 293 -4.99 -18.57 14.12
N GLN A 294 -4.49 -19.71 13.66
CA GLN A 294 -4.51 -20.05 12.24
C GLN A 294 -5.88 -19.91 11.58
N GLU A 295 -6.94 -20.43 12.21
CA GLU A 295 -8.28 -20.34 11.63
C GLU A 295 -8.79 -18.90 11.48
N ALA A 296 -8.72 -18.09 12.53
CA ALA A 296 -9.19 -16.70 12.44
C ALA A 296 -8.39 -16.07 11.31
N ARG A 297 -7.09 -16.30 11.35
CA ARG A 297 -6.13 -15.82 10.36
C ARG A 297 -6.56 -16.16 8.93
N LYS A 298 -6.81 -17.44 8.70
CA LYS A 298 -7.24 -17.94 7.39
C LYS A 298 -8.46 -17.15 6.92
N ILE A 299 -9.33 -16.89 7.89
CA ILE A 299 -10.56 -16.16 7.69
C ILE A 299 -10.35 -14.74 7.20
N LEU A 300 -9.65 -13.99 8.01
CA LEU A 300 -9.34 -12.61 7.72
C LEU A 300 -8.69 -12.48 6.35
N GLY A 301 -7.86 -13.45 6.00
CA GLY A 301 -7.18 -13.44 4.71
C GLY A 301 -8.18 -13.51 3.58
N ALA A 302 -9.16 -14.39 3.72
CA ALA A 302 -10.20 -14.55 2.70
C ALA A 302 -11.03 -13.26 2.62
N PHE A 303 -11.31 -12.66 3.77
CA PHE A 303 -12.09 -11.41 3.82
C PHE A 303 -11.42 -10.31 3.00
N ILE A 304 -10.12 -10.18 3.17
CA ILE A 304 -9.37 -9.16 2.46
C ILE A 304 -9.38 -9.43 0.95
N GLN A 305 -9.39 -10.70 0.57
CA GLN A 305 -9.42 -11.05 -0.85
C GLN A 305 -10.79 -10.79 -1.44
N ILE A 306 -11.83 -11.06 -0.65
CA ILE A 306 -13.20 -10.86 -1.10
C ILE A 306 -13.56 -9.38 -1.29
N ILE A 307 -13.26 -8.54 -0.32
CA ILE A 307 -13.56 -7.12 -0.48
C ILE A 307 -12.74 -6.56 -1.65
N THR A 308 -11.49 -7.00 -1.75
CA THR A 308 -10.59 -6.55 -2.80
C THR A 308 -11.03 -6.90 -4.22
N PHE A 309 -11.36 -8.16 -4.46
CA PHE A 309 -11.75 -8.58 -5.79
C PHE A 309 -13.22 -8.36 -6.16
N ARG A 310 -14.12 -8.40 -5.18
CA ARG A 310 -15.55 -8.22 -5.44
C ARG A 310 -16.01 -6.76 -5.38
N ASP A 311 -15.52 -6.00 -4.41
CA ASP A 311 -15.92 -4.60 -4.26
C ASP A 311 -14.94 -3.52 -4.75
N TYR A 312 -13.65 -3.78 -4.58
CA TYR A 312 -12.61 -2.80 -4.92
C TYR A 312 -12.07 -2.72 -6.36
N LEU A 313 -11.58 -3.83 -6.89
CA LEU A 313 -11.02 -3.81 -8.24
C LEU A 313 -11.98 -3.40 -9.36
N PRO A 314 -13.26 -3.79 -9.28
CA PRO A 314 -14.17 -3.38 -10.35
C PRO A 314 -14.32 -1.86 -10.45
N ILE A 315 -14.27 -1.17 -9.32
CA ILE A 315 -14.41 0.28 -9.40
C ILE A 315 -13.06 0.99 -9.57
N VAL A 316 -12.01 0.23 -9.81
CA VAL A 316 -10.70 0.80 -10.08
C VAL A 316 -10.48 0.54 -11.57
N LEU A 317 -10.64 -0.72 -11.97
CA LEU A 317 -10.45 -1.13 -13.36
C LEU A 317 -11.58 -0.78 -14.32
N GLY A 318 -12.74 -0.47 -13.78
CA GLY A 318 -13.86 -0.11 -14.66
C GLY A 318 -14.18 -1.21 -15.66
N SER A 319 -14.43 -0.83 -16.90
CA SER A 319 -14.78 -1.79 -17.93
C SER A 319 -13.61 -2.63 -18.45
N GLU A 320 -12.41 -2.41 -17.91
CA GLU A 320 -11.23 -3.18 -18.33
C GLU A 320 -11.09 -4.42 -17.46
N MET A 321 -11.86 -4.47 -16.38
CA MET A 321 -11.83 -5.57 -15.42
C MET A 321 -11.82 -6.98 -15.98
N GLN A 322 -12.84 -7.35 -16.76
CA GLN A 322 -12.94 -8.69 -17.32
C GLN A 322 -11.94 -8.97 -18.43
N LYS A 323 -11.33 -7.92 -18.95
CA LYS A 323 -10.35 -8.06 -20.02
C LYS A 323 -9.01 -8.53 -19.46
N TRP A 324 -8.83 -8.33 -18.17
CA TRP A 324 -7.59 -8.67 -17.47
C TRP A 324 -7.77 -9.73 -16.41
N ILE A 325 -8.91 -9.68 -15.74
CA ILE A 325 -9.24 -10.62 -14.70
C ILE A 325 -10.51 -11.38 -15.18
N PRO A 326 -10.35 -12.63 -15.64
CA PRO A 326 -11.48 -13.47 -16.05
C PRO A 326 -12.12 -13.99 -14.90
N PRO A 327 -13.30 -14.59 -15.04
CA PRO A 327 -13.73 -15.32 -13.85
C PRO A 327 -12.74 -16.44 -13.50
N TYR A 328 -12.66 -16.75 -12.22
CA TYR A 328 -11.75 -17.77 -11.68
C TYR A 328 -12.00 -19.21 -12.15
N GLN A 329 -10.97 -19.83 -12.72
CA GLN A 329 -11.01 -21.21 -13.24
C GLN A 329 -10.29 -22.22 -12.35
N GLY A 330 -9.69 -21.75 -11.27
CA GLY A 330 -8.97 -22.66 -10.39
C GLY A 330 -7.48 -22.36 -10.29
N TYR A 331 -6.86 -22.92 -9.26
CA TYR A 331 -5.45 -22.71 -9.04
C TYR A 331 -4.70 -23.21 -10.25
N ASN A 332 -3.65 -22.48 -10.62
CA ASN A 332 -2.83 -22.77 -11.75
C ASN A 332 -1.37 -22.64 -11.30
N ASN A 333 -0.68 -23.72 -11.09
CA ASN A 333 0.69 -23.68 -10.56
C ASN A 333 1.75 -23.19 -11.53
N SER A 334 1.32 -22.91 -12.71
CA SER A 334 2.24 -22.44 -13.70
C SER A 334 2.40 -20.95 -13.63
N VAL A 335 1.48 -20.28 -12.93
CA VAL A 335 1.48 -18.84 -12.82
C VAL A 335 2.47 -18.31 -11.80
N ASP A 336 3.22 -17.28 -12.20
CA ASP A 336 4.21 -16.61 -11.35
C ASP A 336 3.45 -15.61 -10.47
N PRO A 337 3.27 -15.93 -9.18
CA PRO A 337 2.55 -15.06 -8.25
C PRO A 337 3.28 -13.81 -7.76
N ARG A 338 4.59 -13.75 -8.02
CA ARG A 338 5.40 -12.64 -7.56
C ARG A 338 4.99 -11.24 -8.03
N ILE A 339 5.15 -10.27 -7.14
CA ILE A 339 4.84 -8.89 -7.46
C ILE A 339 6.00 -8.34 -8.30
N SER A 340 5.68 -7.77 -9.46
CA SER A 340 6.73 -7.23 -10.30
C SER A 340 7.18 -5.88 -9.77
N ASN A 341 8.36 -5.45 -10.21
CA ASN A 341 8.90 -4.20 -9.78
C ASN A 341 7.97 -3.07 -10.22
N VAL A 342 7.56 -3.07 -11.48
CA VAL A 342 6.72 -2.01 -12.02
C VAL A 342 5.36 -1.84 -11.32
N PHE A 343 4.78 -2.93 -10.82
CA PHE A 343 3.50 -2.86 -10.13
C PHE A 343 3.58 -1.89 -8.96
N THR A 344 4.70 -1.91 -8.23
CA THR A 344 4.88 -1.05 -7.07
C THR A 344 4.90 0.44 -7.41
N PHE A 345 4.87 0.77 -8.70
CA PHE A 345 4.83 2.17 -9.11
C PHE A 345 3.46 2.44 -9.68
N ALA A 346 2.88 1.42 -10.31
CA ALA A 346 1.56 1.53 -10.89
C ALA A 346 0.52 1.70 -9.78
N PHE A 347 0.73 0.97 -8.69
CA PHE A 347 -0.21 1.01 -7.57
C PHE A 347 -0.09 2.30 -6.77
N ARG A 348 0.81 3.18 -7.22
CA ARG A 348 0.98 4.46 -6.55
C ARG A 348 0.02 5.50 -7.10
N PHE A 349 -0.90 5.09 -7.97
CA PHE A 349 -1.90 5.99 -8.53
C PHE A 349 -2.73 6.48 -7.35
N GLY A 350 -2.67 5.72 -6.27
CA GLY A 350 -3.43 6.05 -5.06
C GLY A 350 -3.02 7.37 -4.45
N HIS A 351 -1.81 7.83 -4.74
CA HIS A 351 -1.30 9.08 -4.18
C HIS A 351 -2.05 10.30 -4.76
N MET A 352 -2.66 10.11 -5.92
CA MET A 352 -3.41 11.18 -6.56
C MET A 352 -4.84 11.19 -6.05
N GLU A 353 -5.12 10.32 -5.09
CA GLU A 353 -6.46 10.17 -4.52
C GLU A 353 -6.59 10.64 -3.08
N VAL A 354 -5.49 11.12 -2.51
CA VAL A 354 -5.52 11.57 -1.13
C VAL A 354 -5.90 13.05 -1.06
N PRO A 355 -7.01 13.37 -0.38
CA PRO A 355 -7.47 14.76 -0.25
C PRO A 355 -6.60 15.49 0.77
N SER A 356 -6.79 16.80 0.89
CA SER A 356 -5.95 17.57 1.82
C SER A 356 -6.37 17.60 3.28
N THR A 357 -7.57 17.12 3.59
CA THR A 357 -8.03 17.11 4.97
C THR A 357 -8.64 15.79 5.42
N VAL A 358 -8.73 15.64 6.74
CA VAL A 358 -9.31 14.47 7.39
C VAL A 358 -10.26 15.00 8.47
N SER A 359 -11.48 14.45 8.50
CA SER A 359 -12.49 14.88 9.46
C SER A 359 -12.87 13.84 10.48
N ARG A 360 -13.32 14.34 11.64
CA ARG A 360 -13.80 13.49 12.71
C ARG A 360 -15.25 13.91 12.83
N LEU A 361 -16.17 12.95 12.75
CA LEU A 361 -17.59 13.23 12.84
C LEU A 361 -18.14 12.62 14.13
N ASP A 362 -19.19 13.21 14.69
CA ASP A 362 -19.78 12.66 15.91
C ASP A 362 -20.91 11.74 15.59
N GLU A 363 -21.48 11.15 16.64
CA GLU A 363 -22.58 10.15 16.59
C GLU A 363 -23.69 10.45 15.58
N ASN A 364 -23.81 11.71 15.17
CA ASN A 364 -24.83 12.13 14.22
C ASN A 364 -24.19 12.44 12.87
N TYR A 365 -22.88 12.19 12.77
CA TYR A 365 -22.11 12.47 11.58
C TYR A 365 -21.95 13.97 11.41
N GLN A 366 -21.91 14.65 12.55
CA GLN A 366 -21.75 16.11 12.61
C GLN A 366 -20.32 16.39 13.03
N PRO A 367 -19.78 17.57 12.64
CA PRO A 367 -18.41 17.94 13.00
C PRO A 367 -18.14 17.59 14.47
N TRP A 368 -17.09 16.80 14.70
CA TRP A 368 -16.74 16.37 16.05
C TRP A 368 -15.81 17.33 16.78
N GLY A 369 -16.40 18.26 17.53
CA GLY A 369 -15.60 19.22 18.26
C GLY A 369 -15.45 20.50 17.46
N PRO A 370 -14.45 21.39 17.78
CA PRO A 370 -14.06 22.73 17.11
C PRO A 370 -13.28 22.60 15.89
N GLU A 371 -12.18 21.94 16.13
CA GLU A 371 -11.21 21.60 15.14
C GLU A 371 -11.55 20.12 14.79
N ALA A 372 -12.50 19.88 13.85
CA ALA A 372 -12.89 18.53 13.44
C ALA A 372 -12.23 18.20 12.10
N GLU A 373 -11.98 19.24 11.31
CA GLU A 373 -11.32 19.08 10.03
C GLU A 373 -9.86 19.48 10.18
N LEU A 374 -8.96 18.54 9.90
CA LEU A 374 -7.53 18.78 10.05
C LEU A 374 -6.75 18.57 8.76
N PRO A 375 -5.68 19.35 8.57
CA PRO A 375 -4.86 19.21 7.36
C PRO A 375 -4.11 17.87 7.45
N LEU A 376 -4.13 17.12 6.36
CA LEU A 376 -3.49 15.82 6.28
C LEU A 376 -2.06 15.77 6.87
N HIS A 377 -1.23 16.77 6.56
CA HIS A 377 0.15 16.75 7.04
C HIS A 377 0.34 16.69 8.56
N THR A 378 -0.62 17.17 9.34
CA THR A 378 -0.48 17.09 10.80
C THR A 378 -0.88 15.70 11.28
N LEU A 379 -1.16 14.80 10.34
CA LEU A 379 -1.58 13.46 10.73
C LEU A 379 -0.57 12.37 10.38
N PHE A 380 0.56 12.76 9.80
CA PHE A 380 1.59 11.79 9.50
C PHE A 380 2.22 11.34 10.84
N PHE A 381 2.23 10.04 11.09
CA PHE A 381 2.81 9.49 12.31
C PHE A 381 2.20 10.10 13.56
N ASN A 382 0.90 10.35 13.47
CA ASN A 382 0.13 10.93 14.56
C ASN A 382 -0.71 9.81 15.18
N THR A 383 -0.29 9.34 16.35
CA THR A 383 -1.04 8.29 17.04
C THR A 383 -1.78 8.90 18.23
N TRP A 384 -1.32 10.05 18.70
CA TRP A 384 -1.94 10.71 19.85
C TRP A 384 -3.35 11.22 19.57
N ARG A 385 -3.64 11.61 18.33
CA ARG A 385 -4.98 12.07 18.00
C ARG A 385 -5.97 10.93 18.16
N ILE A 386 -5.49 9.69 18.12
CA ILE A 386 -6.37 8.55 18.30
C ILE A 386 -6.53 8.30 19.80
N ILE A 387 -5.39 8.10 20.47
CA ILE A 387 -5.37 7.83 21.91
C ILE A 387 -5.86 8.93 22.83
N LYS A 388 -5.52 10.18 22.51
CA LYS A 388 -5.91 11.32 23.32
C LYS A 388 -7.02 12.20 22.76
N ASP A 389 -7.72 11.74 21.72
CA ASP A 389 -8.74 12.61 21.14
C ASP A 389 -9.94 11.95 20.48
N GLY A 390 -10.55 10.95 21.13
CA GLY A 390 -11.74 10.34 20.57
C GLY A 390 -11.87 8.88 20.16
N GLY A 391 -10.77 8.13 20.10
CA GLY A 391 -10.88 6.74 19.68
C GLY A 391 -10.91 6.71 18.16
N ILE A 392 -11.20 5.55 17.56
CA ILE A 392 -11.21 5.51 16.11
C ILE A 392 -12.57 5.77 15.45
N ASP A 393 -13.62 5.67 16.23
CA ASP A 393 -14.98 5.88 15.68
C ASP A 393 -15.21 7.18 14.93
N PRO A 394 -14.62 8.27 15.39
CA PRO A 394 -14.76 9.61 14.73
C PRO A 394 -14.23 9.53 13.34
N LEU A 395 -13.03 8.94 13.36
CA LEU A 395 -12.27 8.78 12.12
C LEU A 395 -12.93 7.81 11.15
N VAL A 396 -13.48 6.72 11.68
CA VAL A 396 -14.15 5.75 10.83
C VAL A 396 -15.38 6.36 10.16
N ARG A 397 -16.11 7.22 10.87
CA ARG A 397 -17.28 7.84 10.27
C ARG A 397 -16.87 8.76 9.11
N GLY A 398 -15.69 9.38 9.24
CA GLY A 398 -15.21 10.26 8.19
C GLY A 398 -14.84 9.44 6.96
N LEU A 399 -14.34 8.23 7.19
CA LEU A 399 -13.97 7.33 6.09
C LEU A 399 -15.19 6.98 5.24
N LEU A 400 -16.35 6.91 5.89
CA LEU A 400 -17.57 6.56 5.21
C LEU A 400 -18.30 7.77 4.60
N ALA A 401 -18.31 8.87 5.34
CA ALA A 401 -19.02 10.07 4.90
C ALA A 401 -18.26 11.10 4.06
N LYS A 402 -16.94 11.01 4.00
CA LYS A 402 -16.19 11.95 3.17
C LYS A 402 -15.84 11.28 1.85
N LYS A 403 -15.33 12.04 0.89
CA LYS A 403 -14.96 11.46 -0.40
C LYS A 403 -13.46 11.43 -0.63
N SER A 404 -13.03 10.67 -1.61
CA SER A 404 -11.62 10.59 -1.95
C SER A 404 -11.37 11.77 -2.88
N LYS A 405 -10.10 12.05 -3.16
CA LYS A 405 -9.77 13.12 -4.09
C LYS A 405 -9.83 12.44 -5.45
N LEU A 406 -10.35 13.14 -6.45
CA LEU A 406 -10.44 12.57 -7.78
C LEU A 406 -9.15 12.93 -8.54
N MET A 407 -8.65 11.98 -9.32
CA MET A 407 -7.45 12.29 -10.12
C MET A 407 -7.92 13.32 -11.14
N ASN A 408 -7.08 14.25 -11.49
CA ASN A 408 -7.41 15.29 -12.43
C ASN A 408 -6.11 15.56 -13.16
N GLN A 409 -6.12 15.92 -14.41
CA GLN A 409 -4.78 16.09 -14.96
C GLN A 409 -4.17 17.46 -14.59
N ASP A 410 -4.99 18.41 -14.16
CA ASP A 410 -4.47 19.74 -13.79
C ASP A 410 -4.21 19.93 -12.27
N LYS A 411 -4.73 19.05 -11.46
CA LYS A 411 -4.56 18.95 -10.03
C LYS A 411 -4.21 17.48 -9.87
N MET A 412 -2.95 17.14 -9.51
CA MET A 412 -2.57 15.70 -9.37
C MET A 412 -2.29 15.26 -7.94
N VAL A 413 -1.32 15.89 -7.28
CA VAL A 413 -1.04 15.50 -5.88
C VAL A 413 -1.18 16.71 -4.97
N THR A 414 -1.95 16.55 -3.90
CA THR A 414 -2.18 17.65 -2.96
C THR A 414 -0.88 18.07 -2.29
N SER A 415 -0.78 19.37 -1.99
CA SER A 415 0.40 19.94 -1.36
C SER A 415 0.74 19.35 0.00
N GLU A 416 -0.23 18.74 0.68
CA GLU A 416 0.03 18.12 1.98
C GLU A 416 1.04 16.98 1.80
N LEU A 417 1.05 16.37 0.62
CA LEU A 417 1.97 15.29 0.31
C LEU A 417 3.12 15.77 -0.56
N ARG A 418 2.87 16.80 -1.36
CA ARG A 418 3.89 17.31 -2.27
C ARG A 418 4.91 18.28 -1.69
N ASN A 419 4.63 18.81 -0.50
CA ASN A 419 5.55 19.74 0.17
C ASN A 419 5.68 19.53 1.66
N LYS A 420 4.71 18.84 2.26
CA LYS A 420 4.73 18.69 3.70
C LYS A 420 4.81 17.26 4.25
N LEU A 421 5.28 16.33 3.43
CA LEU A 421 5.40 14.94 3.87
C LEU A 421 6.45 14.81 4.98
N PHE A 422 6.15 13.98 5.97
CA PHE A 422 7.05 13.73 7.09
C PHE A 422 7.69 12.35 6.93
N GLN A 423 9.02 12.30 6.87
CA GLN A 423 9.72 11.02 6.74
C GLN A 423 10.18 10.63 8.14
N PRO A 424 9.88 9.39 8.55
CA PRO A 424 10.22 8.84 9.88
C PRO A 424 11.64 9.03 10.41
N THR A 425 12.62 9.14 9.51
CA THR A 425 13.99 9.26 9.96
C THR A 425 14.51 10.69 10.06
N HIS A 426 13.79 11.63 9.46
CA HIS A 426 14.14 13.07 9.44
C HIS A 426 13.21 13.89 10.29
N LYS A 427 13.46 15.20 10.42
CA LYS A 427 12.66 15.97 11.38
C LYS A 427 11.65 16.97 10.86
N ILE A 428 11.58 17.18 9.55
CA ILE A 428 10.69 18.21 9.04
C ILE A 428 9.51 17.72 8.26
N HIS A 429 8.51 18.55 8.25
CA HIS A 429 7.40 18.35 7.41
C HIS A 429 7.80 19.08 6.19
N GLY A 430 8.19 18.45 5.12
CA GLY A 430 8.68 19.28 4.06
C GLY A 430 9.28 18.40 2.98
N PHE A 431 8.79 17.16 2.92
CA PHE A 431 9.20 16.28 1.83
C PHE A 431 8.14 16.28 0.73
N ASP A 432 8.53 15.77 -0.44
CA ASP A 432 7.65 15.72 -1.61
C ASP A 432 7.46 14.27 -2.07
N LEU A 433 6.30 13.69 -1.80
CA LEU A 433 6.02 12.32 -2.20
C LEU A 433 6.11 12.10 -3.72
N ALA A 434 5.69 13.10 -4.48
CA ALA A 434 5.72 12.99 -5.95
C ALA A 434 7.15 12.86 -6.48
N ALA A 435 8.03 13.75 -6.01
CA ALA A 435 9.44 13.75 -6.41
C ALA A 435 10.10 12.45 -5.98
N ILE A 436 9.77 12.01 -4.78
CA ILE A 436 10.30 10.76 -4.26
C ILE A 436 9.88 9.60 -5.19
N ASN A 437 8.60 9.56 -5.51
CA ASN A 437 8.07 8.53 -6.41
C ASN A 437 8.90 8.48 -7.69
N LEU A 438 9.17 9.66 -8.25
CA LEU A 438 9.95 9.76 -9.48
C LEU A 438 11.38 9.30 -9.29
N GLN A 439 12.01 9.74 -8.21
CA GLN A 439 13.38 9.34 -7.93
C GLN A 439 13.50 7.83 -7.74
N ARG A 440 12.50 7.24 -7.09
CA ARG A 440 12.48 5.81 -6.83
C ARG A 440 12.31 5.04 -8.13
N CYS A 441 11.48 5.59 -9.00
CA CYS A 441 11.20 5.04 -10.32
C CYS A 441 12.55 4.79 -10.99
N ARG A 442 13.44 5.78 -10.87
CA ARG A 442 14.77 5.70 -11.45
C ARG A 442 15.71 4.83 -10.61
N ASP A 443 15.52 4.85 -9.29
CA ASP A 443 16.31 4.02 -8.39
C ASP A 443 16.08 2.54 -8.74
N HIS A 444 14.86 2.19 -9.11
CA HIS A 444 14.50 0.81 -9.45
C HIS A 444 14.80 0.40 -10.90
N GLY A 445 15.42 1.28 -11.67
CA GLY A 445 15.75 0.99 -13.07
C GLY A 445 14.59 0.68 -13.99
N MET A 446 13.52 1.47 -13.90
CA MET A 446 12.33 1.25 -14.71
C MET A 446 12.42 1.67 -16.17
N PRO A 447 11.84 0.86 -17.07
CA PRO A 447 11.84 1.19 -18.50
C PRO A 447 10.90 2.39 -18.61
N GLY A 448 11.04 3.19 -19.67
CA GLY A 448 10.17 4.34 -19.84
C GLY A 448 8.74 4.02 -20.24
N TYR A 449 7.94 5.08 -20.32
CA TYR A 449 6.53 5.02 -20.67
C TYR A 449 6.22 4.23 -21.95
N ASN A 450 7.05 4.38 -22.99
CA ASN A 450 6.74 3.67 -24.21
C ASN A 450 7.04 2.17 -24.20
N SER A 451 7.95 1.74 -23.34
CA SER A 451 8.24 0.32 -23.24
C SER A 451 7.01 -0.37 -22.66
N TRP A 452 6.40 0.27 -21.65
CA TRP A 452 5.22 -0.27 -21.01
C TRP A 452 3.98 -0.15 -21.89
N ARG A 453 3.90 0.90 -22.71
CA ARG A 453 2.76 1.00 -23.62
C ARG A 453 2.89 -0.20 -24.56
N GLY A 454 4.10 -0.41 -25.07
CA GLY A 454 4.37 -1.53 -25.97
C GLY A 454 3.99 -2.84 -25.31
N PHE A 455 4.51 -3.03 -24.13
CA PHE A 455 4.22 -4.20 -23.31
C PHE A 455 2.72 -4.46 -23.16
N CYS A 456 1.91 -3.41 -23.22
CA CYS A 456 0.49 -3.58 -23.05
C CYS A 456 -0.26 -3.52 -24.36
N GLY A 457 0.46 -3.64 -25.47
CA GLY A 457 -0.19 -3.61 -26.77
C GLY A 457 -0.86 -2.29 -27.08
N LEU A 458 -0.33 -1.20 -26.51
CA LEU A 458 -0.89 0.14 -26.73
C LEU A 458 0.07 0.95 -27.57
N SER A 459 -0.48 1.87 -28.35
CA SER A 459 0.32 2.73 -29.22
C SER A 459 1.40 3.47 -28.47
N GLN A 460 2.47 3.82 -29.17
CA GLN A 460 3.59 4.52 -28.56
C GLN A 460 3.82 5.86 -29.21
N PRO A 461 3.21 6.93 -28.66
CA PRO A 461 3.42 8.24 -29.26
C PRO A 461 4.91 8.61 -29.32
N LYS A 462 5.33 9.12 -30.46
CA LYS A 462 6.72 9.52 -30.66
C LYS A 462 6.85 11.03 -30.85
N THR A 463 5.71 11.72 -30.86
CA THR A 463 5.68 13.16 -31.05
C THR A 463 4.71 13.87 -30.10
N LEU A 464 4.85 15.19 -30.01
CA LEU A 464 4.00 16.03 -29.17
C LEU A 464 2.55 15.71 -29.55
N LYS A 465 2.29 15.83 -30.85
CA LYS A 465 0.98 15.58 -31.44
C LYS A 465 0.43 14.21 -31.02
N GLY A 466 1.30 13.20 -31.12
CA GLY A 466 0.90 11.85 -30.75
C GLY A 466 0.56 11.78 -29.27
N LEU A 467 1.41 12.39 -28.44
CA LEU A 467 1.21 12.39 -27.00
C LEU A 467 -0.06 13.11 -26.58
N GLN A 468 -0.43 14.15 -27.33
CA GLN A 468 -1.63 14.91 -27.04
C GLN A 468 -2.88 14.07 -27.25
N THR A 469 -2.86 13.26 -28.31
CA THR A 469 -3.99 12.40 -28.64
C THR A 469 -4.15 11.25 -27.65
N VAL A 470 -3.05 10.79 -27.09
CA VAL A 470 -3.11 9.72 -26.10
C VAL A 470 -3.60 10.26 -24.75
N LEU A 471 -3.06 11.41 -24.34
CA LEU A 471 -3.43 12.04 -23.09
C LEU A 471 -4.69 12.88 -23.23
N LYS A 472 -5.12 13.10 -24.47
CA LYS A 472 -6.31 13.92 -24.74
C LYS A 472 -6.20 15.26 -24.02
N ASN A 473 -4.98 15.79 -23.95
CA ASN A 473 -4.75 17.06 -23.29
C ASN A 473 -3.54 17.76 -23.92
N LYS A 474 -3.81 18.88 -24.58
CA LYS A 474 -2.79 19.67 -25.27
C LYS A 474 -1.71 20.24 -24.35
N ILE A 475 -2.14 20.93 -23.31
CA ILE A 475 -1.22 21.57 -22.37
C ILE A 475 -0.36 20.63 -21.53
N LEU A 476 -0.94 19.59 -20.93
CA LEU A 476 -0.13 18.66 -20.14
C LEU A 476 0.92 18.02 -21.05
N ALA A 477 0.52 17.70 -22.27
CA ALA A 477 1.44 17.10 -23.24
C ALA A 477 2.63 18.03 -23.55
N LYS A 478 2.36 19.33 -23.59
CA LYS A 478 3.41 20.32 -23.87
C LYS A 478 4.41 20.36 -22.72
N LYS A 479 3.90 20.35 -21.48
CA LYS A 479 4.76 20.40 -20.29
C LYS A 479 5.64 19.16 -20.20
N LEU A 480 5.08 18.02 -20.58
CA LEU A 480 5.81 16.76 -20.56
C LEU A 480 6.95 16.73 -21.59
N MET A 481 6.69 17.21 -22.80
CA MET A 481 7.72 17.24 -23.84
C MET A 481 8.82 18.25 -23.55
N ASP A 482 8.45 19.38 -22.96
CA ASP A 482 9.44 20.39 -22.64
C ASP A 482 10.42 19.90 -21.57
N LEU A 483 9.91 19.08 -20.66
CA LEU A 483 10.75 18.53 -19.59
C LEU A 483 11.46 17.24 -20.01
N TYR A 484 10.80 16.43 -20.83
CA TYR A 484 11.37 15.15 -21.25
C TYR A 484 11.91 15.06 -22.71
N LYS A 485 11.63 15.97 -23.59
CA LYS A 485 12.17 15.91 -24.98
C LYS A 485 11.92 14.60 -25.71
N THR A 486 11.27 13.63 -25.14
CA THR A 486 10.82 12.45 -25.90
C THR A 486 9.99 11.58 -24.99
N PRO A 487 8.84 11.12 -25.48
CA PRO A 487 7.93 10.29 -24.69
C PRO A 487 8.56 8.97 -24.23
N ASP A 488 9.69 8.61 -24.82
CA ASP A 488 10.39 7.38 -24.44
C ASP A 488 11.02 7.53 -23.07
N ASN A 489 11.25 8.78 -22.69
CA ASN A 489 11.88 9.09 -21.42
C ASN A 489 10.94 9.40 -20.27
N ILE A 490 9.64 9.45 -20.55
CA ILE A 490 8.67 9.75 -19.51
C ILE A 490 8.65 8.65 -18.45
N ASP A 491 9.01 9.02 -17.22
CA ASP A 491 9.00 8.06 -16.12
C ASP A 491 7.60 7.40 -16.06
N ILE A 492 7.55 6.08 -15.99
CA ILE A 492 6.27 5.36 -15.93
C ILE A 492 5.25 5.87 -14.90
N TRP A 493 5.71 6.30 -13.73
CA TRP A 493 4.77 6.78 -12.73
C TRP A 493 3.99 8.02 -13.17
N ILE A 494 4.66 9.03 -13.72
CA ILE A 494 3.90 10.21 -14.16
C ILE A 494 3.12 9.93 -15.43
N GLY A 495 3.74 9.22 -16.38
CA GLY A 495 3.07 8.90 -17.62
C GLY A 495 1.82 8.04 -17.47
N GLY A 496 1.92 6.98 -16.68
CA GLY A 496 0.77 6.12 -16.47
C GLY A 496 -0.38 6.85 -15.80
N ASN A 497 -0.05 7.76 -14.89
CA ASN A 497 -1.06 8.53 -14.17
C ASN A 497 -1.60 9.73 -14.94
N ALA A 498 -0.91 10.11 -16.02
CA ALA A 498 -1.36 11.25 -16.81
C ALA A 498 -2.44 10.90 -17.83
N GLU A 499 -2.71 9.61 -17.99
CA GLU A 499 -3.72 9.14 -18.94
C GLU A 499 -5.16 9.27 -18.44
N PRO A 500 -6.10 9.67 -19.32
CA PRO A 500 -7.48 9.79 -18.88
C PRO A 500 -8.04 8.42 -18.46
N MET A 501 -8.91 8.45 -17.47
CA MET A 501 -9.51 7.25 -16.92
C MET A 501 -10.37 6.44 -17.88
N VAL A 502 -10.35 5.12 -17.70
CA VAL A 502 -11.17 4.25 -18.52
C VAL A 502 -12.59 4.39 -17.96
N GLU A 503 -13.57 3.98 -18.76
CA GLU A 503 -14.96 4.06 -18.37
C GLU A 503 -15.25 3.31 -17.06
N ARG A 504 -15.93 3.98 -16.14
CA ARG A 504 -16.31 3.41 -14.85
C ARG A 504 -15.13 3.04 -13.96
N GLY A 505 -13.94 3.49 -14.33
CA GLY A 505 -12.77 3.17 -13.55
C GLY A 505 -12.10 4.41 -12.98
N ARG A 506 -10.90 4.25 -12.42
CA ARG A 506 -10.17 5.38 -11.85
C ARG A 506 -8.70 5.43 -12.28
N VAL A 507 -8.37 4.68 -13.33
CA VAL A 507 -7.02 4.68 -13.87
C VAL A 507 -7.17 4.55 -15.38
N GLY A 508 -6.15 4.96 -16.13
CA GLY A 508 -6.20 4.86 -17.58
C GLY A 508 -5.86 3.46 -18.09
N PRO A 509 -5.67 3.31 -19.42
CA PRO A 509 -5.33 2.06 -20.12
C PRO A 509 -4.02 1.36 -19.71
N LEU A 510 -2.95 2.12 -19.60
CA LEU A 510 -1.67 1.54 -19.24
C LEU A 510 -1.75 0.93 -17.84
N LEU A 511 -2.14 1.76 -16.88
CA LEU A 511 -2.28 1.33 -15.51
C LEU A 511 -3.24 0.15 -15.33
N ALA A 512 -4.39 0.21 -16.01
CA ALA A 512 -5.37 -0.87 -15.92
C ALA A 512 -4.76 -2.21 -16.34
N CYS A 513 -3.89 -2.15 -17.35
CA CYS A 513 -3.18 -3.32 -17.87
C CYS A 513 -2.19 -3.83 -16.81
N LEU A 514 -1.31 -2.94 -16.35
CA LEU A 514 -0.32 -3.31 -15.35
C LEU A 514 -0.98 -3.86 -14.07
N LEU A 515 -1.98 -3.15 -13.57
CA LEU A 515 -2.69 -3.60 -12.38
C LEU A 515 -3.44 -4.91 -12.65
N GLY A 516 -4.23 -4.95 -13.73
CA GLY A 516 -4.98 -6.14 -14.10
C GLY A 516 -4.14 -7.41 -14.17
N ARG A 517 -3.01 -7.35 -14.87
CA ARG A 517 -2.13 -8.51 -14.98
C ARG A 517 -1.69 -8.99 -13.60
N GLN A 518 -1.07 -8.10 -12.83
CA GLN A 518 -0.59 -8.45 -11.51
C GLN A 518 -1.67 -9.13 -10.68
N PHE A 519 -2.82 -8.48 -10.56
CA PHE A 519 -3.92 -9.04 -9.78
C PHE A 519 -4.45 -10.38 -10.29
N GLN A 520 -4.37 -10.61 -11.59
CA GLN A 520 -4.82 -11.88 -12.14
C GLN A 520 -3.84 -12.98 -11.71
N GLN A 521 -2.55 -12.63 -11.68
CA GLN A 521 -1.50 -13.57 -11.29
C GLN A 521 -1.48 -13.97 -9.82
N ILE A 522 -1.69 -13.02 -8.91
CA ILE A 522 -1.67 -13.36 -7.50
C ILE A 522 -2.90 -14.13 -7.06
N ARG A 523 -3.96 -14.08 -7.87
CA ARG A 523 -5.16 -14.83 -7.56
C ARG A 523 -4.93 -16.25 -8.09
N ASP A 524 -4.69 -16.32 -9.41
CA ASP A 524 -4.49 -17.57 -10.12
C ASP A 524 -3.29 -18.40 -9.67
N GLY A 525 -2.31 -17.75 -9.06
CA GLY A 525 -1.13 -18.46 -8.63
C GLY A 525 -1.06 -18.66 -7.14
N ASP A 526 -2.18 -18.44 -6.47
CA ASP A 526 -2.26 -18.59 -5.02
C ASP A 526 -2.97 -19.90 -4.70
N ARG A 527 -2.22 -20.86 -4.17
CA ARG A 527 -2.78 -22.16 -3.81
C ARG A 527 -3.86 -22.04 -2.75
N PHE A 528 -3.78 -20.97 -1.96
CA PHE A 528 -4.75 -20.77 -0.90
C PHE A 528 -5.85 -19.76 -1.18
N TRP A 529 -6.07 -19.45 -2.45
CA TRP A 529 -7.14 -18.54 -2.82
C TRP A 529 -8.41 -19.12 -2.19
N TRP A 530 -9.20 -18.27 -1.54
CA TRP A 530 -10.40 -18.73 -0.85
C TRP A 530 -11.35 -19.60 -1.69
N GLU A 531 -11.33 -19.44 -3.00
CA GLU A 531 -12.19 -20.23 -3.89
C GLU A 531 -11.58 -21.52 -4.39
N ASN A 532 -10.30 -21.74 -4.09
CA ASN A 532 -9.65 -22.95 -4.55
C ASN A 532 -10.27 -24.10 -3.77
N PRO A 533 -10.93 -25.03 -4.49
CA PRO A 533 -11.58 -26.18 -3.86
C PRO A 533 -10.66 -26.87 -2.86
N GLY A 534 -11.16 -27.10 -1.66
CA GLY A 534 -10.35 -27.75 -0.65
C GLY A 534 -9.77 -26.80 0.38
N VAL A 535 -9.70 -25.50 0.06
CA VAL A 535 -9.18 -24.52 0.99
C VAL A 535 -10.24 -24.30 2.07
N PHE A 536 -11.47 -24.05 1.62
CA PHE A 536 -12.60 -23.87 2.51
C PHE A 536 -13.64 -24.87 2.04
N THR A 537 -14.70 -25.05 2.82
CA THR A 537 -15.77 -25.95 2.40
C THR A 537 -16.79 -25.08 1.71
N GLU A 538 -17.59 -25.68 0.84
CA GLU A 538 -18.63 -24.94 0.14
C GLU A 538 -19.55 -24.22 1.12
N LYS A 539 -19.76 -24.83 2.29
CA LYS A 539 -20.61 -24.24 3.30
C LYS A 539 -19.93 -22.97 3.80
N GLN A 540 -18.62 -23.07 4.04
CA GLN A 540 -17.86 -21.92 4.50
C GLN A 540 -17.85 -20.87 3.41
N ARG A 541 -17.60 -21.28 2.17
CA ARG A 541 -17.59 -20.34 1.05
C ARG A 541 -18.92 -19.59 0.93
N ASP A 542 -20.03 -20.32 1.02
CA ASP A 542 -21.37 -19.71 0.95
C ASP A 542 -21.41 -18.66 2.04
N SER A 543 -20.91 -19.07 3.18
CA SER A 543 -20.86 -18.20 4.31
C SER A 543 -19.86 -17.11 3.99
N LEU A 544 -18.72 -17.43 3.37
CA LEU A 544 -17.73 -16.39 3.07
C LEU A 544 -18.25 -15.17 2.25
N GLN A 545 -19.21 -15.39 1.36
CA GLN A 545 -19.76 -14.34 0.47
C GLN A 545 -20.60 -13.17 1.01
N LYS A 546 -21.06 -13.23 2.26
CA LYS A 546 -21.86 -12.11 2.71
C LYS A 546 -20.95 -11.06 3.38
N VAL A 547 -19.63 -11.24 3.31
CA VAL A 547 -18.72 -10.26 3.93
C VAL A 547 -18.98 -8.92 3.38
N SER A 548 -18.65 -7.92 4.17
CA SER A 548 -18.78 -6.56 3.73
C SER A 548 -18.05 -5.66 4.71
N PHE A 549 -17.42 -4.62 4.21
CA PHE A 549 -16.70 -3.75 5.10
C PHE A 549 -17.64 -3.14 6.13
N SER A 550 -18.87 -2.87 5.72
CA SER A 550 -19.86 -2.25 6.59
C SER A 550 -20.12 -3.10 7.83
N ARG A 551 -20.42 -4.38 7.58
CA ARG A 551 -20.58 -5.32 8.65
C ARG A 551 -19.34 -5.13 9.52
N LEU A 552 -18.15 -5.31 8.94
CA LEU A 552 -16.90 -5.16 9.71
C LEU A 552 -16.88 -4.00 10.69
N ILE A 553 -17.47 -2.88 10.29
CA ILE A 553 -17.53 -1.70 11.14
C ILE A 553 -18.46 -1.98 12.31
N CYS A 554 -19.62 -2.56 12.00
CA CYS A 554 -20.62 -2.88 13.02
C CYS A 554 -20.13 -3.78 14.15
N ASP A 555 -19.38 -4.86 13.83
CA ASP A 555 -18.89 -5.79 14.84
C ASP A 555 -17.67 -5.24 15.63
N ASN A 556 -17.02 -4.18 15.13
CA ASN A 556 -15.77 -3.73 15.76
C ASN A 556 -15.68 -2.27 16.16
N THR A 557 -16.82 -1.61 16.21
CA THR A 557 -16.84 -0.21 16.63
C THR A 557 -18.19 0.06 17.27
N HIS A 558 -18.35 1.26 17.82
CA HIS A 558 -19.64 1.63 18.40
C HIS A 558 -20.41 2.53 17.47
N ILE A 559 -20.34 2.21 16.18
CA ILE A 559 -21.08 2.95 15.16
C ILE A 559 -22.23 2.00 14.92
N THR A 560 -23.43 2.54 14.74
CA THR A 560 -24.61 1.71 14.55
C THR A 560 -25.28 1.94 13.21
N LYS A 561 -24.83 2.97 12.50
CA LYS A 561 -25.39 3.29 11.20
C LYS A 561 -24.27 3.36 10.16
N VAL A 562 -24.37 2.50 9.16
CA VAL A 562 -23.36 2.45 8.11
C VAL A 562 -24.02 2.35 6.74
N PRO A 563 -23.27 2.69 5.69
CA PRO A 563 -23.83 2.61 4.33
C PRO A 563 -23.71 1.15 3.90
N LEU A 564 -24.49 0.74 2.90
CA LEU A 564 -24.45 -0.64 2.46
C LEU A 564 -23.30 -0.89 1.48
N HIS A 565 -23.02 0.08 0.65
CA HIS A 565 -21.90 0.03 -0.26
C HIS A 565 -20.95 1.14 0.14
N ALA A 566 -20.07 0.78 1.07
CA ALA A 566 -19.10 1.70 1.65
C ALA A 566 -18.12 2.39 0.70
N PHE A 567 -17.86 1.79 -0.46
CA PHE A 567 -16.90 2.38 -1.40
C PHE A 567 -17.42 3.51 -2.27
N GLN A 568 -18.72 3.55 -2.51
CA GLN A 568 -19.26 4.64 -3.33
C GLN A 568 -19.56 5.82 -2.39
N ALA A 569 -19.82 6.99 -2.95
CA ALA A 569 -20.10 8.16 -2.13
C ALA A 569 -21.47 7.99 -1.46
N ASN A 570 -21.54 8.25 -0.16
CA ASN A 570 -22.80 8.10 0.57
C ASN A 570 -23.14 9.30 1.45
N ASN A 571 -24.36 9.80 1.30
CA ASN A 571 -24.83 10.95 2.06
C ASN A 571 -25.62 10.55 3.29
N TYR A 572 -25.32 11.19 4.42
CA TYR A 572 -26.03 10.92 5.66
C TYR A 572 -27.28 11.82 5.68
N PRO A 573 -28.44 11.27 6.10
CA PRO A 573 -28.69 9.90 6.57
C PRO A 573 -29.34 8.92 5.57
N HIS A 574 -29.73 9.41 4.44
CA HIS A 574 -30.36 8.65 3.39
C HIS A 574 -29.79 7.26 3.07
N ASP A 575 -28.48 7.24 2.82
CA ASP A 575 -27.82 6.00 2.46
C ASP A 575 -27.38 5.12 3.63
N PHE A 576 -27.48 5.62 4.85
CA PHE A 576 -27.06 4.86 6.02
C PHE A 576 -28.17 4.08 6.71
N VAL A 577 -28.06 2.76 6.70
CA VAL A 577 -29.04 1.89 7.34
C VAL A 577 -28.55 1.48 8.73
N ASP A 578 -29.42 0.86 9.51
CA ASP A 578 -29.07 0.42 10.86
C ASP A 578 -28.23 -0.86 10.83
N CYS A 579 -27.19 -0.90 11.65
CA CYS A 579 -26.30 -2.05 11.71
C CYS A 579 -26.96 -3.41 11.81
N SER A 580 -28.14 -3.48 12.41
CA SER A 580 -28.83 -4.77 12.55
C SER A 580 -29.57 -5.19 11.29
N THR A 581 -29.42 -4.42 10.23
CA THR A 581 -30.07 -4.71 8.96
C THR A 581 -29.02 -5.24 7.97
N VAL A 582 -27.79 -5.38 8.45
CA VAL A 582 -26.66 -5.84 7.66
C VAL A 582 -26.31 -7.32 7.82
N ASP A 583 -26.09 -8.00 6.69
CA ASP A 583 -25.76 -9.43 6.71
C ASP A 583 -24.62 -9.72 7.66
N LYS A 584 -24.83 -10.71 8.50
CA LYS A 584 -23.83 -11.10 9.47
C LYS A 584 -23.04 -12.26 8.94
N LEU A 585 -21.95 -12.55 9.64
CA LEU A 585 -21.14 -13.64 9.22
C LEU A 585 -21.50 -14.90 9.93
N ASP A 586 -22.08 -15.81 9.19
CA ASP A 586 -22.44 -17.03 9.84
C ASP A 586 -21.27 -17.99 9.98
N LEU A 587 -20.87 -18.16 11.23
CA LEU A 587 -19.77 -19.02 11.64
C LEU A 587 -20.06 -20.44 11.87
N SER A 588 -21.33 -20.78 11.75
CA SER A 588 -21.68 -22.15 12.03
C SER A 588 -20.96 -23.21 11.22
N PRO A 589 -20.58 -22.91 9.96
CA PRO A 589 -19.87 -23.93 9.18
C PRO A 589 -18.46 -24.27 9.65
N TRP A 590 -17.97 -23.55 10.65
CA TRP A 590 -16.63 -23.82 11.15
C TRP A 590 -16.68 -24.74 12.37
N ALA A 591 -17.88 -25.04 12.84
CA ALA A 591 -18.06 -25.92 13.99
C ALA A 591 -17.51 -27.31 13.62
N SER A 592 -16.56 -27.86 14.41
CA SER A 592 -16.04 -29.21 14.12
C SER A 592 -16.59 -30.14 15.25
N ARG A 593 -17.13 -31.30 14.87
CA ARG A 593 -17.65 -32.31 15.81
C ARG A 593 -16.77 -33.59 15.65
N GLU A 594 -16.28 -34.15 16.76
CA GLU A 594 -15.38 -35.37 16.79
C GLU A 594 -15.89 -36.56 15.96
N ASN A 595 -17.23 -36.73 15.89
CA ASN A 595 -17.86 -37.79 15.07
C ASN A 595 -18.46 -37.17 13.81
C1 NAG B . -21.41 5.08 -8.16
C2 NAG B . -22.33 5.33 -9.36
C3 NAG B . -23.26 4.13 -9.60
C4 NAG B . -22.47 2.83 -9.74
C5 NAG B . -21.62 2.68 -8.48
C6 NAG B . -20.70 1.48 -8.55
C7 NAG B . -23.16 7.45 -10.12
C8 NAG B . -24.29 8.47 -10.07
N2 NAG B . -23.10 6.54 -9.15
O3 NAG B . -24.00 4.34 -10.80
O4 NAG B . -23.42 1.73 -9.86
O5 NAG B . -20.73 3.82 -8.32
O6 NAG B . -19.42 1.86 -9.03
O7 NAG B . -22.33 7.50 -11.04
C1 NAG B . -23.11 0.36 -10.13
C2 NAG B . -23.75 -0.50 -9.02
C3 NAG B . -24.52 -1.77 -9.46
C4 NAG B . -24.29 -2.26 -10.90
C5 NAG B . -23.52 -1.29 -11.80
C6 NAG B . -23.94 -1.37 -13.26
C7 NAG B . -22.92 -0.36 -6.77
C8 NAG B . -21.74 -0.51 -5.83
N2 NAG B . -22.79 -0.85 -8.00
O3 NAG B . -25.91 -1.56 -9.26
O4 NAG B . -23.62 -3.55 -10.91
O5 NAG B . -23.74 0.08 -11.39
O6 NAG B . -23.22 -0.47 -14.06
O7 NAG B . -23.95 0.19 -6.39
C1 MAN B . -24.06 -4.88 -10.79
C2 MAN B . -23.19 -6.00 -11.36
C3 MAN B . -23.86 -7.38 -11.21
C4 MAN B . -25.14 -7.28 -10.38
C5 MAN B . -26.09 -6.23 -10.98
C6 MAN B . -27.24 -5.89 -10.07
O2 MAN B . -21.93 -6.02 -10.70
O3 MAN B . -22.97 -8.29 -10.56
O4 MAN B . -25.81 -8.54 -10.35
O5 MAN B . -25.41 -4.97 -11.31
O6 MAN B . -28.29 -6.86 -10.17
C1 NAG C . -3.78 -11.85 26.46
C2 NAG C . -3.75 -10.39 26.94
C3 NAG C . -4.30 -10.30 28.36
C4 NAG C . -5.67 -10.93 28.45
C5 NAG C . -5.68 -12.34 27.88
C6 NAG C . -7.11 -12.86 27.76
C7 NAG C . -2.07 -9.00 25.90
C8 NAG C . -0.75 -8.28 26.04
N2 NAG C . -2.41 -9.86 26.86
O3 NAG C . -4.37 -8.93 28.71
O4 NAG C . -6.08 -10.98 29.83
O5 NAG C . -5.12 -12.36 26.53
O6 NAG C . -7.15 -14.19 27.30
O7 NAG C . -2.80 -8.79 24.92
C1 NAG C . -7.24 -10.25 30.26
C2 NAG C . -7.69 -10.74 31.64
C3 NAG C . -8.26 -9.61 32.54
C4 NAG C . -8.97 -8.48 31.78
C5 NAG C . -8.28 -8.09 30.45
C6 NAG C . -7.90 -6.62 30.43
C7 NAG C . -8.24 -13.07 31.72
C8 NAG C . -9.23 -14.17 31.41
N2 NAG C . -8.65 -11.82 31.51
O3 NAG C . -7.22 -9.07 33.33
O4 NAG C . -10.33 -8.84 31.52
O5 NAG C . -7.05 -8.82 30.28
O6 NAG C . -6.63 -6.41 31.05
O7 NAG C . -7.12 -13.34 32.13
C1 NAG D . 0.17 17.81 21.76
C2 NAG D . -0.64 18.95 21.12
C3 NAG D . -1.53 19.65 22.16
C4 NAG D . -2.37 18.65 22.91
C5 NAG D . -1.48 17.55 23.51
C6 NAG D . -2.31 16.46 24.17
C7 NAG D . 0.63 19.77 19.24
C8 NAG D . 1.75 20.66 18.74
N2 NAG D . 0.26 19.91 20.51
O3 NAG D . -2.37 20.57 21.48
O4 NAG D . -3.13 19.31 23.94
O5 NAG D . -0.71 16.90 22.46
O6 NAG D . -1.52 15.66 25.02
O7 NAG D . 0.10 18.95 18.48
C1 NAG D . -4.39 18.80 24.19
C2 NAG D . -4.87 19.11 25.60
C3 NAG D . -6.37 18.97 25.61
C4 NAG D . -6.90 20.20 24.88
C5 NAG D . -6.12 20.44 23.58
C6 NAG D . -5.21 21.67 23.62
C7 NAG D . -3.20 18.67 27.28
C8 NAG D . -2.58 17.70 28.27
N2 NAG D . -4.24 18.24 26.58
O3 NAG D . -6.86 18.92 26.94
O4 NAG D . -8.32 20.05 24.61
O5 NAG D . -5.31 19.29 23.18
O6 NAG D . -5.56 22.62 22.63
O7 NAG D . -2.74 19.81 27.15
C1 MAN D . -9.22 20.78 25.38
C2 MAN D . -8.61 22.12 25.82
C3 MAN D . -9.28 22.69 27.08
C4 MAN D . -10.63 22.04 27.43
C5 MAN D . -10.71 20.52 27.24
C6 MAN D . -11.94 20.12 26.43
O2 MAN D . -8.71 23.07 24.77
O3 MAN D . -9.48 24.08 26.90
O4 MAN D . -10.93 22.33 28.80
O5 MAN D . -9.55 20.00 26.53
O6 MAN D . -12.34 18.78 26.73
C1 NAG E . -1.90 -21.51 -16.38
C2 NAG E . -2.87 -21.86 -17.52
C3 NAG E . -2.17 -21.88 -18.88
C4 NAG E . -1.10 -20.78 -19.06
C5 NAG E . -0.25 -20.71 -17.83
C6 NAG E . 0.92 -19.72 -17.84
C7 NAG E . -4.64 -23.51 -17.55
C8 NAG E . -4.92 -24.99 -17.75
N2 NAG E . -3.39 -23.18 -17.25
O3 NAG E . -3.15 -21.73 -19.91
O4 NAG E . -0.29 -21.13 -20.19
O5 NAG E . -1.07 -20.40 -16.70
O6 NAG E . 0.47 -18.40 -18.11
O7 NAG E . -5.55 -22.68 -17.65
C1 NDG E . -0.84 -20.92 -21.45
C2 NDG E . -0.34 -22.00 -22.40
C3 NDG E . 0.76 -21.47 -23.34
C4 NDG E . 1.74 -20.49 -22.66
C5 NDG E . 1.01 -19.48 -21.77
C6 NDG E . 1.33 -18.03 -22.05
C7 NDG E . -0.61 -24.21 -21.51
C8 NDG E . -0.52 -24.97 -20.19
O5 NDG E . -0.42 -19.63 -21.88
O3 NDG E . 0.16 -20.84 -24.46
O4 NDG E . 2.66 -21.22 -21.87
O6 NDG E . 1.32 -17.26 -20.85
O7 NDG E . -1.39 -24.59 -22.38
N2 NDG E . 0.17 -23.14 -21.65
CHA HEM F . 4.71 3.96 -1.04
CHB HEM F . 3.25 7.54 1.91
CHC HEM F . -1.26 6.57 0.27
CHD HEM F . 0.21 3.16 -2.65
C1A HEM F . 4.76 5.08 -0.23
C2A HEM F . 5.94 5.72 0.34
C3A HEM F . 5.51 6.67 1.21
C4A HEM F . 4.06 6.67 1.17
CMA HEM F . 6.30 7.76 1.98
CAA HEM F . 7.41 5.35 0.05
CBA HEM F . 7.91 6.15 -1.11
CGA HEM F . 9.32 5.75 -1.41
O1A HEM F . 9.54 5.37 -2.55
O2A HEM F . 10.27 5.89 -0.54
C1B HEM F . 1.85 7.60 1.77
C2B HEM F . 0.89 8.45 2.50
C3B HEM F . -0.35 8.13 2.04
C4B HEM F . -0.21 7.12 1.02
CMB HEM F . 1.26 9.42 3.64
CAB HEM F . -1.72 8.72 2.48
CBB HEM F . -1.75 9.85 3.29
C1C HEM F . -1.31 5.57 -0.72
C2C HEM F . -2.50 5.09 -1.52
C3C HEM F . -2.06 4.01 -2.30
C4C HEM F . -0.64 4.00 -2.05
CMC HEM F . -3.97 5.54 -1.22
CAC HEM F . -2.75 3.03 -3.33
CBC HEM F . -4.09 2.89 -3.55
C1D HEM F . 1.50 3.05 -2.38
C2D HEM F . 2.31 2.02 -3.00
C3D HEM F . 3.72 2.22 -2.46
C4D HEM F . 3.60 3.39 -1.63
CMD HEM F . 1.75 0.93 -3.91
CAD HEM F . 5.08 1.45 -2.72
CBD HEM F . 5.52 0.46 -1.58
CGD HEM F . 6.67 -0.44 -1.85
O1D HEM F . 7.77 -0.24 -1.32
O2D HEM F . 6.47 -1.37 -2.64
NA HEM F . 3.62 5.67 0.27
NB HEM F . 1.14 6.80 0.91
NC HEM F . -0.13 4.90 -1.12
ND HEM F . 2.30 3.86 -1.59
FE HEM F . 1.85 5.42 -0.32
S SCN G . 10.40 -7.65 15.62
C SCN G . 11.10 -8.88 16.68
N SCN G . 11.43 -9.72 17.36
S SCN H . 4.27 4.24 3.74
C SCN H . 5.51 4.84 4.89
N SCN H . 6.18 5.30 5.70
CA CA I . 0.87 -10.43 1.53
I IOD J . 10.66 24.70 -10.84
I IOD K . -18.38 5.62 -11.75
I IOD L . 1.44 -1.74 24.93
I IOD M . -13.97 -12.85 -5.38
I IOD N . -23.24 6.45 14.69
I IOD O . 9.33 -4.79 -13.93
I IOD P . 3.27 9.78 -33.20
#